data_8JNY
#
_entry.id   8JNY
#
_cell.length_a   40.103
_cell.length_b   87.547
_cell.length_c   96.866
_cell.angle_alpha   90.000
_cell.angle_beta   90.440
_cell.angle_gamma   90.000
#
_symmetry.space_group_name_H-M   'P 1 21 1'
#
loop_
_entity.id
_entity.type
_entity.pdbx_description
1 polymer 'Poly [ADP-ribose] polymerase 2'
2 non-polymer 6-methylpyrazolo[1,5-a]pyrimidine-3-carboxamide
#
_entity_poly.entity_id   1
_entity_poly.type   'polypeptide(L)'
_entity_poly.pdbx_seq_one_letter_code
;GPESQLDLRVQELIKLICNVQAMEEMMMEMKYNTKKAPLGKLTVAQIKAGYQSLKKIEDCIRAGQHGRALMEACNEFYTR
IPHDFGLRTPPLIRTQKELSEKIQLLEALGDIEIAIKLVKSERQGLEHPLDQHYRNLHCALRPLDHESYEFKVISQYLQS
THAPTHSDYTMTLLDLFEVEKDGEKEAFREDLHNRMLLWHGSRMSNWVGILSHGLRIAPPEAPITGYMFGKGIYFADMSS
KSANYCFASRLKNTGLLLLSEVALGQCNELLEANPKAEGLLQGKHSTKGLGKMAPSSAHFVTLNGSTVPLGPASDTGILN
PDGYTLNYNEYIVYNPNQVRMRYLLKVQFNFLQ
;
_entity_poly.pdbx_strand_id   A,B
#
loop_
_chem_comp.id
_chem_comp.type
_chem_comp.name
_chem_comp.formula
ERV non-polymer 6-methylpyrazolo[1,5-a]pyrimidine-3-carboxamide 'C8 H8 N4 O'
#
# COMPACT_ATOMS: atom_id res chain seq x y z
N GLY A 1 13.52 -48.87 -0.05
CA GLY A 1 13.71 -48.16 1.20
C GLY A 1 14.19 -49.06 2.34
N PRO A 2 15.48 -49.39 2.33
CA PRO A 2 16.01 -50.27 3.37
C PRO A 2 16.53 -49.48 4.57
N GLU A 3 17.86 -49.41 4.69
CA GLU A 3 18.47 -48.63 5.76
C GLU A 3 18.42 -47.15 5.41
N SER A 4 18.05 -46.33 6.38
CA SER A 4 18.02 -44.89 6.17
C SER A 4 19.43 -44.36 5.88
N GLN A 5 19.49 -43.28 5.10
CA GLN A 5 20.76 -42.66 4.74
C GLN A 5 21.08 -41.45 5.59
N LEU A 6 20.09 -40.88 6.27
CA LEU A 6 20.27 -39.64 6.99
C LEU A 6 21.09 -39.84 8.25
N ASP A 7 21.62 -38.72 8.76
CA ASP A 7 22.31 -38.74 10.05
C ASP A 7 21.31 -39.14 11.14
N LEU A 8 21.78 -39.93 12.10
CA LEU A 8 20.92 -40.40 13.18
C LEU A 8 20.26 -39.23 13.90
N ARG A 9 21.00 -38.16 14.14
CA ARG A 9 20.43 -36.99 14.80
C ARG A 9 19.37 -36.32 13.94
N VAL A 10 19.57 -36.30 12.62
CA VAL A 10 18.56 -35.74 11.72
C VAL A 10 17.32 -36.62 11.70
N GLN A 11 17.51 -37.94 11.73
CA GLN A 11 16.37 -38.85 11.79
C GLN A 11 15.48 -38.54 12.98
N GLU A 12 16.08 -38.31 14.15
CA GLU A 12 15.30 -37.93 15.33
C GLU A 12 14.48 -36.67 15.06
N LEU A 13 15.10 -35.68 14.44
CA LEU A 13 14.39 -34.42 14.18
C LEU A 13 13.29 -34.59 13.14
N ILE A 14 13.53 -35.43 12.13
CA ILE A 14 12.52 -35.63 11.09
C ILE A 14 11.25 -36.23 11.68
N LYS A 15 11.40 -37.33 12.42
CA LYS A 15 10.25 -37.97 13.06
C LYS A 15 9.49 -36.99 13.94
N LEU A 16 10.21 -36.08 14.60
CA LEU A 16 9.59 -35.19 15.56
C LEU A 16 8.69 -34.16 14.87
N ILE A 17 9.22 -33.45 13.87
CA ILE A 17 8.42 -32.43 13.20
C ILE A 17 7.38 -33.04 12.27
N CYS A 18 7.53 -34.31 11.90
CA CYS A 18 6.64 -34.95 10.94
C CYS A 18 5.60 -35.85 11.60
N ASN A 19 5.36 -35.67 12.90
CA ASN A 19 4.40 -36.50 13.62
C ASN A 19 3.03 -35.87 13.47
N VAL A 20 2.20 -36.46 12.61
CA VAL A 20 0.82 -35.99 12.45
C VAL A 20 0.02 -36.24 13.71
N GLN A 21 0.48 -37.14 14.58
CA GLN A 21 -0.24 -37.47 15.80
C GLN A 21 -0.31 -36.27 16.74
N ALA A 22 0.84 -35.73 17.13
CA ALA A 22 0.85 -34.57 18.03
C ALA A 22 0.23 -33.35 17.37
N MET A 23 0.28 -33.28 16.03
CA MET A 23 -0.36 -32.17 15.32
C MET A 23 -1.83 -32.05 15.69
N GLU A 24 -2.54 -33.19 15.70
CA GLU A 24 -3.92 -33.18 16.18
C GLU A 24 -3.97 -32.80 17.66
N GLU A 25 -3.02 -33.29 18.46
CA GLU A 25 -3.03 -33.01 19.89
C GLU A 25 -2.92 -31.52 20.15
N MET A 26 -2.10 -30.81 19.37
CA MET A 26 -1.95 -29.38 19.59
C MET A 26 -3.14 -28.59 19.05
N MET A 27 -3.67 -28.99 17.89
CA MET A 27 -4.88 -28.35 17.40
C MET A 27 -6.04 -28.57 18.37
N MET A 28 -6.12 -29.75 18.98
CA MET A 28 -7.12 -30.00 20.00
C MET A 28 -6.83 -29.20 21.27
N GLU A 29 -5.55 -28.98 21.58
CA GLU A 29 -5.21 -28.10 22.68
C GLU A 29 -5.63 -26.67 22.41
N MET A 30 -5.63 -26.25 21.15
CA MET A 30 -6.12 -24.94 20.78
C MET A 30 -7.63 -24.90 20.62
N LYS A 31 -8.32 -26.00 20.94
CA LYS A 31 -9.77 -26.13 20.91
C LYS A 31 -10.31 -26.27 19.49
N TYR A 32 -9.49 -26.73 18.54
CA TYR A 32 -9.96 -26.99 17.19
C TYR A 32 -10.56 -28.39 17.09
N ASN A 33 -11.65 -28.49 16.35
CA ASN A 33 -12.43 -29.73 16.27
C ASN A 33 -11.87 -30.59 15.14
N THR A 34 -10.95 -31.49 15.49
CA THR A 34 -10.43 -32.43 14.51
C THR A 34 -11.48 -33.43 14.06
N LYS A 35 -12.53 -33.63 14.85
CA LYS A 35 -13.57 -34.58 14.47
C LYS A 35 -14.48 -34.00 13.38
N LYS A 36 -14.92 -32.75 13.55
CA LYS A 36 -15.84 -32.16 12.59
C LYS A 36 -15.18 -31.93 11.23
N ALA A 37 -13.86 -31.70 11.21
CA ALA A 37 -13.13 -31.52 9.96
C ALA A 37 -11.68 -31.88 10.20
N PRO A 38 -11.32 -33.13 9.93
CA PRO A 38 -9.96 -33.60 10.23
C PRO A 38 -8.89 -32.81 9.48
N LEU A 39 -7.68 -32.83 10.04
CA LEU A 39 -6.57 -32.12 9.44
C LEU A 39 -6.26 -32.63 8.03
N GLY A 40 -6.54 -33.90 7.77
CA GLY A 40 -6.31 -34.46 6.44
C GLY A 40 -7.19 -33.84 5.37
N LYS A 41 -8.33 -33.28 5.75
CA LYS A 41 -9.23 -32.64 4.78
C LYS A 41 -9.20 -31.13 4.94
N LEU A 42 -8.01 -30.55 4.93
CA LEU A 42 -7.83 -29.13 5.18
C LEU A 42 -7.37 -28.44 3.90
N THR A 43 -8.29 -27.77 3.23
CA THR A 43 -7.96 -27.01 2.03
C THR A 43 -7.42 -25.63 2.41
N VAL A 44 -6.46 -25.14 1.63
CA VAL A 44 -5.98 -23.77 1.81
C VAL A 44 -7.14 -22.79 1.66
N ALA A 45 -8.10 -23.10 0.78
CA ALA A 45 -9.26 -22.25 0.61
C ALA A 45 -10.04 -22.11 1.91
N GLN A 46 -10.19 -23.23 2.65
CA GLN A 46 -10.84 -23.16 3.95
C GLN A 46 -10.14 -22.16 4.87
N ILE A 47 -8.81 -22.14 4.83
CA ILE A 47 -8.05 -21.22 5.67
C ILE A 47 -8.22 -19.79 5.18
N LYS A 48 -8.14 -19.60 3.86
CA LYS A 48 -8.46 -18.29 3.29
C LYS A 48 -9.92 -17.93 3.56
N ALA A 49 -10.81 -18.92 3.61
CA ALA A 49 -12.17 -18.67 4.06
C ALA A 49 -12.21 -18.29 5.54
N GLY A 50 -11.30 -18.87 6.34
CA GLY A 50 -11.24 -18.51 7.75
C GLY A 50 -10.73 -17.11 7.96
N TYR A 51 -9.70 -16.71 7.21
CA TYR A 51 -9.16 -15.36 7.33
C TYR A 51 -10.22 -14.31 6.99
N GLN A 52 -10.96 -14.51 5.90
CA GLN A 52 -11.98 -13.55 5.51
C GLN A 52 -13.01 -13.35 6.61
N SER A 53 -13.46 -14.45 7.22
CA SER A 53 -14.47 -14.36 8.27
C SER A 53 -13.91 -13.75 9.56
N LEU A 54 -12.59 -13.84 9.77
CA LEU A 54 -11.98 -13.08 10.86
C LEU A 54 -11.98 -11.58 10.55
N LYS A 55 -11.83 -11.21 9.28
CA LYS A 55 -11.89 -9.80 8.91
C LYS A 55 -13.30 -9.25 9.11
N LYS A 56 -14.32 -10.04 8.81
CA LYS A 56 -15.68 -9.64 9.15
C LYS A 56 -15.87 -9.49 10.64
N ILE A 57 -15.01 -10.13 11.44
CA ILE A 57 -15.08 -9.99 12.89
C ILE A 57 -14.40 -8.69 13.32
N GLU A 58 -13.26 -8.34 12.71
CA GLU A 58 -12.66 -7.05 13.01
C GLU A 58 -13.51 -5.90 12.50
N ASP A 59 -14.25 -6.12 11.41
CA ASP A 59 -15.14 -5.09 10.90
C ASP A 59 -16.24 -4.79 11.90
N CYS A 60 -16.62 -5.77 12.72
CA CYS A 60 -17.63 -5.56 13.75
C CYS A 60 -17.05 -4.83 14.95
N ILE A 61 -15.87 -5.27 15.41
CA ILE A 61 -15.26 -4.68 16.60
C ILE A 61 -14.93 -3.21 16.34
N ARG A 62 -14.41 -2.90 15.16
CA ARG A 62 -14.12 -1.51 14.81
C ARG A 62 -15.41 -0.69 14.79
N ALA A 63 -16.49 -1.25 14.27
CA ALA A 63 -17.79 -0.58 14.28
C ALA A 63 -18.46 -0.63 15.64
N GLY A 64 -17.94 -1.41 16.59
CA GLY A 64 -18.44 -1.43 17.94
C GLY A 64 -19.72 -2.20 18.17
N GLN A 65 -20.28 -2.84 17.14
CA GLN A 65 -21.52 -3.58 17.31
C GLN A 65 -21.23 -4.94 17.93
N HIS A 66 -21.85 -5.20 19.09
CA HIS A 66 -21.66 -6.45 19.81
C HIS A 66 -22.94 -7.29 19.84
N GLY A 67 -23.97 -6.89 19.09
CA GLY A 67 -25.17 -7.68 18.96
C GLY A 67 -24.98 -8.79 17.95
N ARG A 68 -26.05 -9.11 17.21
CA ARG A 68 -25.98 -10.16 16.19
C ARG A 68 -24.82 -9.93 15.24
N ALA A 69 -24.56 -8.66 14.88
CA ALA A 69 -23.45 -8.33 14.00
C ALA A 69 -22.21 -9.14 14.32
N LEU A 70 -21.79 -9.12 15.59
CA LEU A 70 -20.67 -9.96 16.00
C LEU A 70 -21.08 -11.42 16.15
N MET A 71 -22.27 -11.68 16.71
CA MET A 71 -22.70 -13.04 16.94
C MET A 71 -22.83 -13.81 15.64
N GLU A 72 -23.34 -13.17 14.59
CA GLU A 72 -23.39 -13.82 13.28
C GLU A 72 -21.99 -13.96 12.68
N ALA A 73 -21.14 -12.94 12.87
CA ALA A 73 -19.80 -12.97 12.29
C ALA A 73 -18.98 -14.11 12.88
N CYS A 74 -18.97 -14.23 14.21
CA CYS A 74 -18.17 -15.27 14.86
C CYS A 74 -18.68 -16.66 14.47
N ASN A 75 -19.99 -16.86 14.47
CA ASN A 75 -20.54 -18.17 14.09
C ASN A 75 -20.15 -18.52 12.67
N GLU A 76 -20.27 -17.56 11.75
CA GLU A 76 -19.84 -17.78 10.37
C GLU A 76 -18.38 -18.19 10.32
N PHE A 77 -17.54 -17.58 11.17
CA PHE A 77 -16.14 -17.98 11.26
C PHE A 77 -16.04 -19.43 11.73
N TYR A 78 -16.75 -19.76 12.81
CA TYR A 78 -16.62 -21.09 13.40
C TYR A 78 -17.10 -22.18 12.45
N THR A 79 -18.03 -21.85 11.55
CA THR A 79 -18.50 -22.85 10.58
C THR A 79 -17.38 -23.26 9.63
N ARG A 80 -16.58 -22.30 9.18
CA ARG A 80 -15.45 -22.62 8.32
C ARG A 80 -14.27 -23.21 9.09
N ILE A 81 -14.06 -22.77 10.32
CA ILE A 81 -13.03 -23.32 11.19
C ILE A 81 -13.71 -24.00 12.37
N PRO A 82 -14.10 -25.27 12.24
CA PRO A 82 -14.89 -25.93 13.29
C PRO A 82 -14.13 -25.99 14.62
N HIS A 83 -14.80 -25.53 15.67
CA HIS A 83 -14.22 -25.49 17.01
C HIS A 83 -14.90 -26.52 17.90
N ASP A 84 -14.47 -26.57 19.17
CA ASP A 84 -15.00 -27.53 20.14
C ASP A 84 -14.95 -26.86 21.50
N PHE A 85 -16.08 -26.29 21.93
CA PHE A 85 -16.19 -25.69 23.24
C PHE A 85 -17.10 -26.49 24.17
N GLY A 86 -17.65 -27.61 23.69
CA GLY A 86 -18.40 -28.53 24.54
C GLY A 86 -19.61 -27.94 25.21
N LEU A 87 -19.53 -27.80 26.54
CA LEU A 87 -20.68 -27.33 27.31
C LEU A 87 -21.00 -25.87 26.99
N ARG A 88 -20.02 -24.98 27.16
CA ARG A 88 -20.28 -23.56 27.02
C ARG A 88 -20.58 -23.17 25.59
N THR A 89 -21.40 -22.13 25.42
CA THR A 89 -21.65 -21.54 24.12
C THR A 89 -20.36 -20.91 23.60
N PRO A 90 -20.05 -21.07 22.32
CA PRO A 90 -18.77 -20.55 21.81
C PRO A 90 -18.62 -19.08 22.09
N PRO A 91 -17.40 -18.61 22.30
CA PRO A 91 -17.18 -17.23 22.75
C PRO A 91 -17.13 -16.23 21.59
N LEU A 92 -17.37 -14.98 21.93
CA LEU A 92 -17.32 -13.90 20.97
C LEU A 92 -15.90 -13.35 20.89
N ILE A 93 -15.43 -13.12 19.65
CA ILE A 93 -14.08 -12.62 19.42
C ILE A 93 -14.15 -11.09 19.44
N ARG A 94 -13.50 -10.49 20.42
CA ARG A 94 -13.69 -9.07 20.70
C ARG A 94 -12.41 -8.23 20.77
N THR A 95 -11.24 -8.82 20.97
CA THR A 95 -10.04 -8.05 21.23
C THR A 95 -8.97 -8.30 20.17
N GLN A 96 -8.03 -7.35 20.09
CA GLN A 96 -6.84 -7.54 19.25
C GLN A 96 -6.08 -8.79 19.65
N LYS A 97 -5.98 -9.06 20.94
CA LYS A 97 -5.28 -10.24 21.41
C LYS A 97 -6.20 -11.47 21.49
N GLU A 98 -7.48 -11.30 21.19
CA GLU A 98 -8.33 -12.44 20.83
C GLU A 98 -8.31 -12.70 19.34
N LEU A 99 -8.20 -11.64 18.53
CA LEU A 99 -8.02 -11.81 17.09
C LEU A 99 -6.71 -12.53 16.80
N SER A 100 -5.61 -12.04 17.40
CA SER A 100 -4.31 -12.69 17.25
C SER A 100 -4.36 -14.15 17.66
N GLU A 101 -5.24 -14.50 18.60
CA GLU A 101 -5.36 -15.89 19.03
C GLU A 101 -5.82 -16.79 17.88
N LYS A 102 -6.71 -16.30 17.03
CA LYS A 102 -7.21 -17.12 15.93
C LYS A 102 -6.31 -17.05 14.71
N ILE A 103 -5.71 -15.89 14.44
CA ILE A 103 -4.71 -15.81 13.38
C ILE A 103 -3.53 -16.72 13.71
N GLN A 104 -3.20 -16.86 15.00
CA GLN A 104 -2.26 -17.89 15.40
C GLN A 104 -2.78 -19.28 15.03
N LEU A 105 -4.08 -19.52 15.22
CA LEU A 105 -4.65 -20.82 14.91
C LEU A 105 -4.65 -21.08 13.41
N LEU A 106 -5.10 -20.10 12.62
CA LEU A 106 -5.17 -20.29 11.18
C LEU A 106 -3.79 -20.46 10.55
N GLU A 107 -2.78 -19.80 11.11
CA GLU A 107 -1.41 -19.98 10.64
C GLU A 107 -0.94 -21.40 10.89
N ALA A 108 -1.04 -21.86 12.14
CA ALA A 108 -0.62 -23.22 12.48
C ALA A 108 -1.33 -24.24 11.60
N LEU A 109 -2.63 -24.02 11.33
CA LEU A 109 -3.37 -24.93 10.47
C LEU A 109 -2.84 -24.91 9.04
N GLY A 110 -2.55 -23.73 8.51
CA GLY A 110 -1.98 -23.65 7.17
C GLY A 110 -0.63 -24.34 7.08
N ASP A 111 0.19 -24.20 8.13
CA ASP A 111 1.46 -24.90 8.20
C ASP A 111 1.29 -26.41 8.36
N ILE A 112 0.10 -26.87 8.73
CA ILE A 112 -0.18 -28.31 8.81
C ILE A 112 -0.61 -28.86 7.47
N GLU A 113 -1.40 -28.10 6.70
CA GLU A 113 -1.73 -28.49 5.34
C GLU A 113 -0.46 -28.80 4.55
N ILE A 114 0.49 -27.88 4.59
CA ILE A 114 1.80 -28.11 3.99
C ILE A 114 2.38 -29.42 4.49
N ALA A 115 2.32 -29.64 5.81
CA ALA A 115 2.98 -30.80 6.41
C ALA A 115 2.38 -32.10 5.91
N ILE A 116 1.08 -32.32 6.15
CA ILE A 116 0.44 -33.57 5.77
C ILE A 116 0.59 -33.83 4.28
N LYS A 117 0.59 -32.78 3.47
CA LYS A 117 0.87 -32.95 2.05
C LYS A 117 2.25 -33.57 1.84
N LEU A 118 3.23 -33.18 2.63
CA LEU A 118 4.58 -33.69 2.46
C LEU A 118 4.69 -35.13 2.94
N VAL A 119 3.93 -35.52 3.98
CA VAL A 119 3.98 -36.89 4.44
C VAL A 119 3.13 -37.79 3.54
N LYS A 120 2.10 -37.25 2.90
CA LYS A 120 1.29 -38.06 2.00
C LYS A 120 1.99 -38.32 0.67
N SER A 121 3.04 -37.57 0.35
CA SER A 121 3.77 -37.73 -0.90
C SER A 121 4.86 -38.79 -0.83
N GLU A 122 4.86 -39.62 0.23
CA GLU A 122 5.94 -40.56 0.44
C GLU A 122 5.84 -41.81 -0.42
N ARG A 123 4.77 -41.97 -1.21
CA ARG A 123 4.48 -43.19 -1.98
C ARG A 123 4.96 -44.42 -1.23
N GLN A 124 5.69 -45.30 -1.93
CA GLN A 124 6.50 -46.33 -1.28
C GLN A 124 7.52 -46.87 -2.28
N GLY A 125 8.55 -46.09 -2.54
CA GLY A 125 9.57 -46.42 -3.53
C GLY A 125 10.83 -46.96 -2.90
N LEU A 126 11.97 -46.55 -3.45
CA LEU A 126 13.27 -47.08 -3.08
C LEU A 126 13.94 -46.30 -1.95
N GLU A 127 13.24 -45.33 -1.35
CA GLU A 127 13.79 -44.55 -0.25
C GLU A 127 13.07 -44.87 1.05
N HIS A 128 13.82 -44.75 2.15
CA HIS A 128 13.25 -44.90 3.48
C HIS A 128 12.28 -43.76 3.76
N PRO A 129 11.20 -44.02 4.50
CA PRO A 129 10.20 -42.96 4.78
C PRO A 129 10.79 -41.65 5.29
N LEU A 130 11.71 -41.70 6.26
CA LEU A 130 12.30 -40.48 6.80
C LEU A 130 13.09 -39.74 5.75
N ASP A 131 13.84 -40.47 4.92
CA ASP A 131 14.65 -39.82 3.88
C ASP A 131 13.79 -39.18 2.81
N GLN A 132 12.60 -39.75 2.55
CA GLN A 132 11.69 -39.16 1.56
C GLN A 132 11.14 -37.84 2.04
N HIS A 133 10.80 -37.74 3.33
CA HIS A 133 10.34 -36.48 3.89
C HIS A 133 11.42 -35.40 3.77
N TYR A 134 12.65 -35.73 4.19
CA TYR A 134 13.74 -34.78 4.12
C TYR A 134 13.94 -34.23 2.72
N ARG A 135 14.03 -35.12 1.74
CA ARG A 135 14.17 -34.68 0.35
C ARG A 135 13.02 -33.76 -0.04
N ASN A 136 11.81 -34.07 0.40
CA ASN A 136 10.66 -33.23 0.03
C ASN A 136 10.71 -31.86 0.69
N LEU A 137 11.38 -31.75 1.85
CA LEU A 137 11.48 -30.44 2.50
C LEU A 137 12.26 -29.43 1.67
N HIS A 138 13.11 -29.91 0.75
CA HIS A 138 13.95 -29.03 -0.08
C HIS A 138 14.70 -28.03 0.80
N CYS A 139 15.16 -28.50 1.95
CA CYS A 139 15.95 -27.71 2.88
C CYS A 139 16.96 -28.64 3.54
N ALA A 140 18.19 -28.17 3.68
CA ALA A 140 19.27 -28.98 4.21
C ALA A 140 19.38 -28.81 5.72
N LEU A 141 19.71 -29.90 6.40
CA LEU A 141 19.85 -29.92 7.86
C LEU A 141 21.16 -30.60 8.21
N ARG A 142 22.23 -29.82 8.35
CA ARG A 142 23.50 -30.34 8.80
C ARG A 142 23.56 -30.30 10.31
N PRO A 143 23.77 -31.43 10.99
CA PRO A 143 23.91 -31.40 12.46
C PRO A 143 25.28 -30.87 12.86
N LEU A 144 25.29 -29.96 13.82
CA LEU A 144 26.51 -29.37 14.32
C LEU A 144 27.02 -30.13 15.53
N ASP A 145 28.35 -30.12 15.71
CA ASP A 145 28.97 -30.78 16.84
C ASP A 145 28.89 -29.88 18.06
N HIS A 146 28.64 -30.49 19.22
CA HIS A 146 28.47 -29.73 20.46
C HIS A 146 29.72 -28.91 20.79
N GLU A 147 30.88 -29.33 20.32
CA GLU A 147 32.11 -28.60 20.54
C GLU A 147 32.40 -27.56 19.47
N SER A 148 31.49 -27.36 18.52
CA SER A 148 31.70 -26.34 17.49
C SER A 148 31.67 -24.95 18.12
N TYR A 149 32.52 -24.05 17.59
CA TYR A 149 32.39 -22.64 17.96
C TYR A 149 30.99 -22.13 17.70
N GLU A 150 30.34 -22.63 16.64
CA GLU A 150 28.93 -22.33 16.44
C GLU A 150 28.12 -22.74 17.66
N PHE A 151 28.37 -23.95 18.19
CA PHE A 151 27.63 -24.40 19.35
C PHE A 151 28.00 -23.60 20.59
N LYS A 152 29.28 -23.22 20.73
CA LYS A 152 29.68 -22.37 21.84
C LYS A 152 28.95 -21.03 21.81
N VAL A 153 28.77 -20.47 20.62
CA VAL A 153 28.05 -19.20 20.50
C VAL A 153 26.57 -19.39 20.83
N ILE A 154 25.99 -20.51 20.38
CA ILE A 154 24.55 -20.68 20.51
C ILE A 154 24.14 -20.87 21.97
N SER A 155 24.81 -21.78 22.68
CA SER A 155 24.54 -21.97 24.09
C SER A 155 24.71 -20.66 24.84
N GLN A 156 25.80 -19.93 24.57
CA GLN A 156 25.97 -18.61 25.18
C GLN A 156 24.96 -17.61 24.63
N TYR A 157 24.48 -17.80 23.40
CA TYR A 157 23.36 -17.00 22.94
C TYR A 157 22.07 -17.41 23.64
N LEU A 158 21.85 -18.71 23.79
CA LEU A 158 20.60 -19.21 24.35
C LEU A 158 20.38 -18.70 25.77
N GLN A 159 21.29 -19.03 26.68
CA GLN A 159 21.03 -18.79 28.10
C GLN A 159 21.36 -17.37 28.52
N SER A 160 22.39 -16.75 27.93
CA SER A 160 22.74 -15.39 28.35
C SER A 160 21.71 -14.37 27.92
N THR A 161 20.94 -14.65 26.87
CA THR A 161 19.83 -13.79 26.46
C THR A 161 18.48 -14.39 26.83
N HIS A 162 18.42 -15.11 27.95
CA HIS A 162 17.15 -15.54 28.53
C HIS A 162 16.65 -14.44 29.47
N ALA A 163 15.49 -13.88 29.16
CA ALA A 163 14.98 -12.75 29.90
C ALA A 163 14.74 -13.14 31.37
N PRO A 164 14.96 -12.20 32.30
CA PRO A 164 14.69 -12.52 33.71
C PRO A 164 13.22 -12.66 34.02
N THR A 165 12.33 -12.11 33.19
CA THR A 165 10.89 -12.17 33.42
C THR A 165 10.25 -13.46 32.91
N HIS A 166 11.01 -14.32 32.23
CA HIS A 166 10.50 -15.62 31.85
C HIS A 166 11.19 -16.67 32.71
N SER A 167 11.07 -16.50 34.03
CA SER A 167 11.82 -17.30 35.00
C SER A 167 11.18 -18.64 35.30
N ASP A 168 9.91 -18.84 34.92
CA ASP A 168 9.19 -20.08 35.19
C ASP A 168 9.76 -21.28 34.43
N TYR A 169 10.79 -21.09 33.60
CA TYR A 169 11.41 -22.23 32.91
C TYR A 169 12.84 -21.89 32.53
N THR A 170 13.71 -22.88 32.64
CA THR A 170 15.06 -22.83 32.11
C THR A 170 15.09 -23.58 30.77
N MET A 171 16.08 -23.26 29.94
CA MET A 171 16.19 -23.88 28.64
C MET A 171 17.51 -24.62 28.53
N THR A 172 17.50 -25.72 27.80
CA THR A 172 18.65 -26.61 27.68
C THR A 172 18.72 -27.15 26.26
N LEU A 173 19.88 -27.00 25.62
CA LEU A 173 20.03 -27.18 24.18
C LEU A 173 20.43 -28.62 23.89
N LEU A 174 19.49 -29.40 23.35
CA LEU A 174 19.74 -30.83 23.14
C LEU A 174 20.54 -31.10 21.86
N ASP A 175 20.34 -30.30 20.81
CA ASP A 175 21.15 -30.42 19.62
C ASP A 175 20.99 -29.14 18.80
N LEU A 176 21.84 -29.01 17.78
CA LEU A 176 21.93 -27.80 16.98
C LEU A 176 22.14 -28.18 15.52
N PHE A 177 21.45 -27.45 14.63
CA PHE A 177 21.41 -27.80 13.21
C PHE A 177 21.78 -26.60 12.35
N GLU A 178 22.46 -26.89 11.23
CA GLU A 178 22.72 -25.90 10.19
C GLU A 178 21.61 -25.99 9.16
N VAL A 179 20.92 -24.88 8.93
CA VAL A 179 19.77 -24.84 8.05
C VAL A 179 20.14 -24.12 6.77
N GLU A 180 19.69 -24.66 5.63
CA GLU A 180 19.84 -24.00 4.33
C GLU A 180 18.68 -24.47 3.45
N LYS A 181 17.61 -23.67 3.45
CA LYS A 181 16.48 -23.94 2.59
C LYS A 181 16.84 -23.55 1.16
N ASP A 182 16.58 -24.46 0.21
CA ASP A 182 17.04 -24.26 -1.15
C ASP A 182 16.42 -23.00 -1.76
N GLY A 183 17.29 -22.15 -2.33
CA GLY A 183 16.88 -20.88 -2.89
C GLY A 183 16.96 -19.71 -1.93
N GLU A 184 16.97 -19.96 -0.62
CA GLU A 184 17.01 -18.87 0.35
C GLU A 184 18.30 -18.08 0.24
N LYS A 185 19.44 -18.78 0.18
CA LYS A 185 20.72 -18.11 0.00
C LYS A 185 20.73 -17.28 -1.29
N GLU A 186 20.07 -17.77 -2.33
CA GLU A 186 20.12 -17.17 -3.65
C GLU A 186 19.29 -15.90 -3.76
N ALA A 187 18.59 -15.50 -2.71
CA ALA A 187 17.74 -14.32 -2.75
C ALA A 187 17.89 -13.42 -1.53
N PHE A 188 18.61 -13.84 -0.50
CA PHE A 188 18.85 -13.01 0.67
C PHE A 188 19.44 -11.66 0.29
N ARG A 189 18.84 -10.58 0.79
CA ARG A 189 19.35 -9.24 0.50
C ARG A 189 20.72 -9.05 1.13
N GLU A 190 21.75 -9.49 0.40
CA GLU A 190 23.13 -9.30 0.86
C GLU A 190 23.47 -7.83 1.02
N ASP A 191 22.76 -6.96 0.30
CA ASP A 191 23.06 -5.53 0.33
C ASP A 191 22.74 -4.93 1.69
N LEU A 192 21.56 -5.27 2.24
CA LEU A 192 21.10 -4.64 3.48
C LEU A 192 22.12 -4.80 4.60
N HIS A 193 22.23 -3.76 5.41
CA HIS A 193 23.13 -3.71 6.56
C HIS A 193 22.38 -4.13 7.82
N ASN A 194 23.05 -4.01 8.97
CA ASN A 194 22.50 -4.40 10.27
C ASN A 194 22.22 -5.90 10.33
N ARG A 195 22.99 -6.69 9.57
CA ARG A 195 22.78 -8.13 9.49
C ARG A 195 22.90 -8.79 10.85
N MET A 196 21.79 -9.34 11.35
CA MET A 196 21.71 -9.86 12.70
C MET A 196 21.14 -11.27 12.72
N LEU A 197 21.50 -12.03 13.74
CA LEU A 197 21.03 -13.39 13.95
C LEU A 197 19.91 -13.34 14.99
N LEU A 198 18.66 -13.49 14.54
CA LEU A 198 17.51 -13.20 15.37
C LEU A 198 16.68 -14.46 15.61
N TRP A 199 15.92 -14.42 16.71
CA TRP A 199 15.15 -15.55 17.18
C TRP A 199 13.77 -15.61 16.52
N HIS A 200 13.33 -16.83 16.22
CA HIS A 200 11.93 -17.08 15.91
C HIS A 200 11.56 -18.44 16.48
N GLY A 201 10.58 -18.44 17.38
CA GLY A 201 10.00 -19.67 17.90
C GLY A 201 8.64 -19.86 17.30
N SER A 202 8.23 -21.13 17.18
CA SER A 202 6.90 -21.43 16.67
C SER A 202 6.49 -22.80 17.18
N ARG A 203 5.18 -23.06 17.11
CA ARG A 203 4.65 -24.33 17.59
C ARG A 203 5.22 -25.49 16.78
N MET A 204 5.18 -26.68 17.39
CA MET A 204 5.85 -27.84 16.80
C MET A 204 5.25 -28.22 15.45
N SER A 205 3.94 -28.01 15.27
CA SER A 205 3.29 -28.43 14.03
C SER A 205 3.72 -27.60 12.82
N ASN A 206 4.38 -26.47 13.05
CA ASN A 206 4.63 -25.51 11.98
C ASN A 206 5.98 -25.68 11.31
N TRP A 207 6.85 -26.55 11.84
CA TRP A 207 8.24 -26.54 11.39
C TRP A 207 8.40 -27.14 10.00
N VAL A 208 7.58 -28.14 9.63
CA VAL A 208 7.62 -28.64 8.26
C VAL A 208 7.31 -27.52 7.28
N GLY A 209 6.23 -26.78 7.53
CA GLY A 209 5.91 -25.66 6.68
C GLY A 209 6.97 -24.56 6.71
N ILE A 210 7.63 -24.38 7.86
CA ILE A 210 8.63 -23.33 7.98
C ILE A 210 9.91 -23.71 7.25
N LEU A 211 10.39 -24.94 7.44
CA LEU A 211 11.60 -25.37 6.74
C LEU A 211 11.35 -25.57 5.24
N SER A 212 10.11 -25.78 4.82
CA SER A 212 9.79 -25.99 3.41
C SER A 212 9.42 -24.69 2.70
N HIS A 213 8.52 -23.90 3.27
CA HIS A 213 8.03 -22.69 2.63
C HIS A 213 8.60 -21.43 3.25
N GLY A 214 9.64 -21.53 4.08
CA GLY A 214 10.16 -20.35 4.72
C GLY A 214 9.19 -19.79 5.76
N LEU A 215 9.24 -18.48 5.95
CA LEU A 215 8.35 -17.76 6.86
C LEU A 215 7.62 -16.71 6.03
N ARG A 216 6.46 -17.09 5.50
CA ARG A 216 5.69 -16.18 4.65
C ARG A 216 5.15 -15.01 5.46
N ILE A 217 4.56 -14.06 4.73
CA ILE A 217 3.83 -12.95 5.36
C ILE A 217 2.38 -13.37 5.48
N ALA A 218 1.56 -12.53 6.09
CA ALA A 218 0.14 -12.83 6.19
C ALA A 218 -0.52 -12.67 4.82
N PRO A 219 -1.57 -13.45 4.54
CA PRO A 219 -2.32 -13.23 3.31
C PRO A 219 -3.02 -11.89 3.34
N PRO A 220 -3.45 -11.37 2.17
CA PRO A 220 -4.11 -10.05 2.17
C PRO A 220 -5.46 -10.01 2.88
N GLU A 221 -6.17 -11.14 2.96
CA GLU A 221 -7.50 -11.16 3.55
C GLU A 221 -7.48 -11.18 5.08
N ALA A 222 -6.30 -11.28 5.68
CA ALA A 222 -6.21 -11.34 7.13
C ALA A 222 -6.66 -10.01 7.74
N PRO A 223 -7.23 -10.04 8.94
CA PRO A 223 -7.56 -8.79 9.62
C PRO A 223 -6.29 -8.03 9.97
N ILE A 224 -6.22 -6.77 9.53
CA ILE A 224 -5.00 -6.00 9.73
C ILE A 224 -4.80 -5.66 11.20
N THR A 225 -5.90 -5.44 11.93
CA THR A 225 -5.79 -5.07 13.34
C THR A 225 -5.24 -6.21 14.19
N GLY A 226 -5.19 -7.44 13.66
CA GLY A 226 -4.75 -8.57 14.46
C GLY A 226 -3.24 -8.60 14.69
N TYR A 227 -2.47 -8.26 13.67
CA TYR A 227 -1.02 -8.33 13.76
C TYR A 227 -0.49 -7.12 14.52
N MET A 228 0.38 -7.38 15.49
CA MET A 228 0.83 -6.34 16.41
C MET A 228 1.50 -5.19 15.69
N PHE A 229 2.58 -5.48 14.94
CA PHE A 229 3.27 -4.47 14.14
C PHE A 229 3.05 -4.68 12.65
N GLY A 230 1.90 -5.21 12.27
CA GLY A 230 1.55 -5.39 10.88
C GLY A 230 1.90 -6.77 10.35
N LYS A 231 1.41 -7.04 9.14
CA LYS A 231 1.69 -8.30 8.47
C LYS A 231 3.16 -8.35 8.08
N GLY A 232 3.97 -8.97 8.92
CA GLY A 232 5.38 -9.18 8.64
C GLY A 232 5.88 -10.50 9.18
N ILE A 233 7.17 -10.60 9.46
CA ILE A 233 7.78 -11.80 10.01
C ILE A 233 8.50 -11.38 11.28
N TYR A 234 7.95 -11.74 12.43
CA TYR A 234 8.40 -11.19 13.71
C TYR A 234 9.57 -11.96 14.27
N PHE A 235 10.51 -11.24 14.86
CA PHE A 235 11.70 -11.81 15.49
C PHE A 235 11.93 -11.14 16.83
N ALA A 236 12.85 -11.72 17.59
CA ALA A 236 13.24 -11.17 18.88
C ALA A 236 14.72 -11.44 19.10
N ASP A 237 15.35 -10.59 19.92
CA ASP A 237 16.75 -10.78 20.25
C ASP A 237 16.94 -11.61 21.51
N MET A 238 15.91 -11.73 22.34
CA MET A 238 15.96 -12.54 23.55
C MET A 238 15.47 -13.95 23.24
N SER A 239 16.23 -14.96 23.68
CA SER A 239 15.87 -16.33 23.38
C SER A 239 14.53 -16.72 24.01
N SER A 240 14.32 -16.33 25.27
CA SER A 240 13.12 -16.73 25.98
C SER A 240 11.86 -16.15 25.35
N LYS A 241 11.95 -14.93 24.79
CA LYS A 241 10.77 -14.31 24.22
C LYS A 241 10.26 -15.08 23.01
N SER A 242 11.16 -15.52 22.13
CA SER A 242 10.75 -16.34 20.99
C SER A 242 10.40 -17.75 21.44
N ALA A 243 11.08 -18.27 22.46
CA ALA A 243 10.76 -19.59 22.98
C ALA A 243 9.37 -19.66 23.60
N ASN A 244 8.77 -18.51 23.92
CA ASN A 244 7.40 -18.53 24.44
C ASN A 244 6.40 -18.92 23.35
N TYR A 245 6.69 -18.59 22.09
CA TYR A 245 5.83 -19.00 20.99
C TYR A 245 6.01 -20.46 20.61
N CYS A 246 6.91 -21.17 21.28
CA CYS A 246 6.96 -22.62 21.09
C CYS A 246 5.78 -23.29 21.78
N PHE A 247 5.28 -22.71 22.86
CA PHE A 247 4.12 -23.22 23.59
C PHE A 247 4.34 -24.63 24.09
N ALA A 248 5.54 -24.91 24.58
CA ALA A 248 5.80 -26.18 25.23
C ALA A 248 5.05 -26.26 26.55
N SER A 249 4.59 -27.46 26.89
CA SER A 249 3.89 -27.70 28.14
C SER A 249 4.81 -28.46 29.10
N ARG A 250 4.33 -28.60 30.34
CA ARG A 250 5.07 -29.38 31.32
C ARG A 250 5.17 -30.84 30.91
N LEU A 251 4.31 -31.29 30.00
CA LEU A 251 4.32 -32.67 29.50
C LEU A 251 5.04 -32.79 28.17
N LYS A 252 4.79 -31.88 27.23
CA LYS A 252 5.56 -31.82 25.99
C LYS A 252 6.54 -30.66 26.12
N ASN A 253 7.65 -30.94 26.81
CA ASN A 253 8.61 -29.92 27.22
C ASN A 253 9.78 -29.80 26.25
N THR A 254 9.60 -30.19 25.00
CA THR A 254 10.63 -30.05 23.98
C THR A 254 10.14 -29.13 22.88
N GLY A 255 11.08 -28.40 22.27
CA GLY A 255 10.72 -27.42 21.26
C GLY A 255 11.86 -27.17 20.30
N LEU A 256 11.56 -26.34 19.30
CA LEU A 256 12.52 -25.99 18.25
C LEU A 256 12.63 -24.47 18.18
N LEU A 257 13.85 -23.97 18.01
CA LEU A 257 14.11 -22.54 18.01
C LEU A 257 14.87 -22.17 16.74
N LEU A 258 14.35 -21.18 16.01
CA LEU A 258 14.87 -20.83 14.68
C LEU A 258 15.72 -19.57 14.77
N LEU A 259 17.03 -19.74 14.73
CA LEU A 259 17.97 -18.63 14.58
C LEU A 259 18.23 -18.41 13.10
N SER A 260 17.87 -17.23 12.60
CA SER A 260 18.01 -16.90 11.20
C SER A 260 18.72 -15.56 11.05
N GLU A 261 19.42 -15.41 9.92
CA GLU A 261 20.06 -14.14 9.58
C GLU A 261 19.01 -13.20 9.00
N VAL A 262 18.73 -12.11 9.72
CA VAL A 262 17.68 -11.18 9.35
C VAL A 262 18.32 -9.87 8.89
N ALA A 263 18.07 -9.50 7.64
CA ALA A 263 18.57 -8.25 7.09
C ALA A 263 17.61 -7.13 7.49
N LEU A 264 17.99 -6.39 8.54
CA LEU A 264 17.10 -5.38 9.11
C LEU A 264 17.28 -4.00 8.49
N GLY A 265 18.52 -3.64 8.13
CA GLY A 265 18.74 -2.34 7.50
C GLY A 265 18.48 -1.21 8.48
N GLN A 266 17.98 -0.11 7.95
CA GLN A 266 17.63 1.04 8.79
C GLN A 266 16.28 0.79 9.43
N CYS A 267 16.22 0.90 10.75
CA CYS A 267 15.04 0.53 11.51
C CYS A 267 14.18 1.74 11.84
N ASN A 268 12.87 1.57 11.72
CA ASN A 268 11.90 2.54 12.25
C ASN A 268 11.54 2.10 13.67
N GLU A 269 11.86 2.95 14.64
CA GLU A 269 11.79 2.58 16.04
C GLU A 269 10.50 3.11 16.65
N LEU A 270 9.75 2.21 17.31
CA LEU A 270 8.45 2.53 17.89
C LEU A 270 8.38 2.00 19.32
N LEU A 271 7.62 2.69 20.16
CA LEU A 271 7.45 2.35 21.56
C LEU A 271 6.10 1.70 21.84
N GLU A 272 5.00 2.35 21.49
CA GLU A 272 3.70 1.73 21.50
C GLU A 272 3.51 0.91 20.23
N ALA A 273 2.77 -0.20 20.36
CA ALA A 273 2.49 -1.04 19.21
C ALA A 273 1.57 -0.33 18.22
N ASN A 274 1.74 -0.68 16.94
CA ASN A 274 0.92 -0.11 15.88
C ASN A 274 0.88 -1.06 14.69
N PRO A 275 -0.29 -1.63 14.36
CA PRO A 275 -0.34 -2.58 13.23
C PRO A 275 -0.04 -1.93 11.91
N LYS A 276 -0.45 -0.68 11.70
CA LYS A 276 -0.24 -0.02 10.42
C LYS A 276 1.21 0.46 10.28
N ALA A 277 2.15 -0.26 10.90
CA ALA A 277 3.55 0.13 10.86
C ALA A 277 4.18 -0.09 9.49
N GLU A 278 3.58 -0.93 8.64
CA GLU A 278 4.13 -1.15 7.31
C GLU A 278 3.92 0.06 6.41
N GLY A 279 2.84 0.82 6.63
CA GLY A 279 2.60 2.00 5.81
C GLY A 279 3.60 3.10 6.10
N LEU A 280 4.03 3.23 7.36
CA LEU A 280 4.92 4.29 7.80
C LEU A 280 6.38 3.86 7.82
N LEU A 281 6.77 2.90 6.97
CA LEU A 281 8.17 2.52 6.90
C LEU A 281 8.98 3.50 6.06
N GLN A 282 8.42 3.93 4.92
CA GLN A 282 8.99 4.97 4.07
C GLN A 282 10.50 4.84 3.87
N GLY A 283 10.94 3.86 3.08
CA GLY A 283 12.35 3.68 2.82
C GLY A 283 13.12 2.92 3.88
N LYS A 284 12.66 2.92 5.13
CA LYS A 284 13.24 2.04 6.12
C LYS A 284 12.91 0.59 5.80
N HIS A 285 13.82 -0.31 6.13
CA HIS A 285 13.70 -1.71 5.74
C HIS A 285 13.15 -2.60 6.85
N SER A 286 12.74 -2.03 7.98
CA SER A 286 12.15 -2.82 9.06
C SER A 286 11.59 -1.90 10.12
N THR A 287 10.73 -2.45 10.96
CA THR A 287 10.19 -1.80 12.15
C THR A 287 10.79 -2.44 13.38
N LYS A 288 11.22 -1.62 14.34
CA LYS A 288 11.80 -2.11 15.59
C LYS A 288 10.93 -1.65 16.74
N GLY A 289 10.39 -2.59 17.51
CA GLY A 289 9.72 -2.26 18.76
C GLY A 289 10.75 -2.08 19.84
N LEU A 290 10.66 -0.97 20.57
CA LEU A 290 11.71 -0.53 21.49
C LEU A 290 11.35 -0.92 22.92
N GLY A 291 12.16 -1.81 23.51
CA GLY A 291 11.94 -2.30 24.85
C GLY A 291 12.96 -1.75 25.85
N LYS A 292 12.76 -2.16 27.11
CA LYS A 292 13.65 -1.68 28.17
C LYS A 292 14.94 -2.48 28.25
N MET A 293 14.89 -3.78 27.95
CA MET A 293 16.03 -4.67 28.09
C MET A 293 16.40 -5.27 26.75
N ALA A 294 17.70 -5.42 26.52
CA ALA A 294 18.24 -5.99 25.30
C ALA A 294 19.73 -6.25 25.52
N PRO A 295 20.31 -7.17 24.75
CA PRO A 295 21.76 -7.38 24.86
C PRO A 295 22.53 -6.09 24.61
N SER A 296 23.49 -5.81 25.50
CA SER A 296 24.28 -4.60 25.39
C SER A 296 25.24 -4.68 24.21
N SER A 297 25.47 -3.54 23.57
CA SER A 297 26.32 -3.49 22.37
C SER A 297 27.71 -4.05 22.61
N ALA A 298 28.13 -4.19 23.87
CA ALA A 298 29.49 -4.59 24.21
C ALA A 298 29.69 -6.10 24.17
N HIS A 299 28.75 -6.87 23.63
CA HIS A 299 28.90 -8.32 23.56
C HIS A 299 28.53 -8.87 22.18
N PHE A 300 28.59 -8.02 21.15
CA PHE A 300 28.12 -8.37 19.81
C PHE A 300 29.24 -9.07 19.05
N VAL A 301 29.30 -10.39 19.17
CA VAL A 301 30.23 -11.18 18.35
C VAL A 301 29.62 -11.36 16.98
N THR A 302 30.43 -11.80 16.01
CA THR A 302 29.97 -12.02 14.65
C THR A 302 30.12 -13.49 14.30
N LEU A 303 29.12 -14.03 13.60
CA LEU A 303 29.13 -15.41 13.13
C LEU A 303 28.73 -15.42 11.67
N ASN A 304 29.65 -15.83 10.80
CA ASN A 304 29.44 -15.86 9.35
C ASN A 304 28.79 -14.57 8.85
N GLY A 305 29.41 -13.44 9.23
CA GLY A 305 28.98 -12.14 8.76
C GLY A 305 27.75 -11.58 9.43
N SER A 306 27.18 -12.26 10.42
CA SER A 306 25.97 -11.80 11.09
C SER A 306 26.28 -11.46 12.55
N THR A 307 25.65 -10.40 13.04
CA THR A 307 25.90 -9.91 14.39
C THR A 307 25.08 -10.71 15.39
N VAL A 308 25.73 -11.26 16.39
CA VAL A 308 25.04 -12.13 17.33
C VAL A 308 25.03 -11.44 18.69
N PRO A 309 23.91 -10.86 19.11
CA PRO A 309 23.93 -10.05 20.35
C PRO A 309 23.99 -10.89 21.62
N LEU A 310 25.19 -11.28 22.07
CA LEU A 310 25.37 -12.02 23.32
C LEU A 310 25.34 -11.14 24.57
N GLY A 311 25.97 -11.65 25.64
CA GLY A 311 26.06 -10.96 26.90
C GLY A 311 24.74 -10.92 27.63
N PRO A 312 24.78 -10.50 28.89
CA PRO A 312 23.53 -10.29 29.63
C PRO A 312 22.76 -9.11 29.05
N ALA A 313 21.45 -9.31 28.89
CA ALA A 313 20.62 -8.27 28.31
C ALA A 313 20.44 -7.09 29.27
N SER A 314 21.38 -6.15 29.25
CA SER A 314 21.31 -5.01 30.13
C SER A 314 20.11 -4.12 29.79
N ASP A 315 19.82 -3.19 30.67
CA ASP A 315 18.78 -2.20 30.41
C ASP A 315 19.14 -1.36 29.19
N THR A 316 18.13 -0.68 28.64
CA THR A 316 18.33 0.20 27.49
C THR A 316 17.92 1.64 27.76
N GLY A 317 17.44 1.95 28.96
CA GLY A 317 16.98 3.29 29.27
C GLY A 317 15.73 3.72 28.55
N ILE A 318 15.12 2.85 27.75
CA ILE A 318 13.92 3.20 26.99
C ILE A 318 12.73 3.28 27.94
N LEU A 319 11.92 4.33 27.79
CA LEU A 319 10.75 4.52 28.62
C LEU A 319 9.78 5.43 27.88
N ASN A 320 8.56 4.93 27.65
CA ASN A 320 7.56 5.67 26.90
C ASN A 320 6.77 6.56 27.85
N PRO A 321 6.75 7.88 27.64
CA PRO A 321 5.98 8.77 28.52
C PRO A 321 4.48 8.56 28.45
N ASP A 322 3.94 8.49 27.22
CA ASP A 322 2.50 8.46 27.03
C ASP A 322 1.84 7.28 27.76
N TYR A 324 2.50 2.84 27.69
CA TYR A 324 3.09 1.51 27.74
C TYR A 324 4.50 1.49 27.15
N THR A 325 5.39 0.78 27.81
CA THR A 325 6.74 0.54 27.34
C THR A 325 6.96 -0.97 27.29
N LEU A 326 7.13 -1.51 26.09
CA LEU A 326 7.46 -2.92 25.94
C LEU A 326 8.71 -3.23 26.74
N ASN A 327 8.75 -4.41 27.35
CA ASN A 327 9.96 -4.81 28.07
C ASN A 327 11.08 -5.14 27.11
N TYR A 328 10.76 -5.81 26.00
CA TYR A 328 11.78 -6.40 25.13
C TYR A 328 11.57 -5.96 23.69
N ASN A 329 12.66 -6.06 22.92
CA ASN A 329 12.68 -5.54 21.56
C ASN A 329 11.91 -6.44 20.61
N GLU A 330 11.27 -5.83 19.62
CA GLU A 330 10.43 -6.53 18.66
C GLU A 330 10.86 -6.13 17.26
N TYR A 331 11.44 -7.07 16.51
CA TYR A 331 11.89 -6.84 15.15
C TYR A 331 10.87 -7.36 14.16
N ILE A 332 10.68 -6.64 13.06
CA ILE A 332 9.69 -6.99 12.04
C ILE A 332 10.27 -6.67 10.66
N VAL A 333 10.44 -7.68 9.83
CA VAL A 333 10.76 -7.52 8.41
C VAL A 333 9.54 -7.93 7.60
N TYR A 334 9.23 -7.16 6.57
CA TYR A 334 8.00 -7.35 5.81
C TYR A 334 8.22 -7.98 4.45
N ASN A 335 9.42 -8.53 4.19
CA ASN A 335 9.64 -9.30 2.97
C ASN A 335 10.56 -10.46 3.27
N PRO A 336 10.28 -11.65 2.73
CA PRO A 336 11.10 -12.83 3.06
C PRO A 336 12.54 -12.73 2.59
N ASN A 337 12.84 -11.90 1.59
CA ASN A 337 14.22 -11.77 1.13
C ASN A 337 15.12 -11.17 2.20
N GLN A 338 14.54 -10.55 3.23
CA GLN A 338 15.30 -10.03 4.35
C GLN A 338 15.62 -11.09 5.40
N VAL A 339 15.18 -12.33 5.20
CA VAL A 339 15.37 -13.40 6.16
C VAL A 339 16.01 -14.58 5.45
N ARG A 340 17.14 -15.05 5.99
CA ARG A 340 17.76 -16.31 5.59
C ARG A 340 17.89 -17.16 6.84
N MET A 341 17.27 -18.34 6.82
CA MET A 341 17.42 -19.25 7.95
C MET A 341 18.83 -19.80 7.98
N ARG A 342 19.33 -20.01 9.19
CA ARG A 342 20.70 -20.50 9.36
C ARG A 342 20.76 -21.64 10.35
N TYR A 343 20.28 -21.41 11.57
CA TYR A 343 20.41 -22.39 12.65
C TYR A 343 19.05 -22.72 13.25
N LEU A 344 18.84 -24.02 13.48
CA LEU A 344 17.68 -24.54 14.19
C LEU A 344 18.18 -25.20 15.48
N LEU A 345 17.45 -24.98 16.58
CA LEU A 345 17.90 -25.47 17.89
C LEU A 345 16.83 -26.36 18.48
N LYS A 346 17.18 -27.61 18.75
CA LYS A 346 16.32 -28.49 19.55
C LYS A 346 16.54 -28.15 21.03
N VAL A 347 15.49 -27.67 21.69
CA VAL A 347 15.60 -27.12 23.03
C VAL A 347 14.66 -27.86 23.95
N GLN A 348 15.18 -28.32 25.09
CA GLN A 348 14.38 -28.89 26.16
C GLN A 348 14.06 -27.80 27.18
N PHE A 349 12.81 -27.74 27.60
CA PHE A 349 12.37 -26.78 28.61
C PHE A 349 12.40 -27.41 29.99
N ASN A 350 13.01 -26.72 30.94
CA ASN A 350 13.01 -27.11 32.34
C ASN A 350 12.06 -26.17 33.08
N PHE A 351 10.79 -26.57 33.18
CA PHE A 351 9.84 -25.77 33.93
C PHE A 351 10.11 -25.91 35.43
N LEU A 352 9.67 -24.90 36.17
CA LEU A 352 9.83 -24.85 37.62
C LEU A 352 8.45 -24.70 38.25
N GLN A 353 8.18 -25.51 39.28
CA GLN A 353 6.86 -25.55 39.90
C GLN A 353 6.71 -24.50 41.00
N GLY B 1 -10.98 -8.61 -36.36
CA GLY B 1 -11.14 -9.30 -35.10
C GLY B 1 -9.87 -9.94 -34.57
N PRO B 2 -9.07 -9.15 -33.85
CA PRO B 2 -7.83 -9.68 -33.28
C PRO B 2 -7.84 -9.67 -31.75
N GLU B 3 -6.64 -9.66 -31.17
CA GLU B 3 -6.43 -9.30 -29.78
C GLU B 3 -5.46 -8.13 -29.73
N SER B 4 -5.42 -7.44 -28.59
CA SER B 4 -4.62 -6.24 -28.47
C SER B 4 -3.14 -6.54 -28.64
N GLN B 5 -2.44 -5.67 -29.35
CA GLN B 5 -1.00 -5.78 -29.57
C GLN B 5 -0.26 -4.64 -28.90
N LEU B 6 -0.75 -4.22 -27.74
CA LEU B 6 -0.12 -3.17 -26.94
C LEU B 6 0.39 -3.77 -25.64
N ASP B 7 1.46 -3.17 -25.11
CA ASP B 7 1.98 -3.55 -23.80
C ASP B 7 0.86 -3.50 -22.77
N LEU B 8 0.58 -4.65 -22.13
CA LEU B 8 -0.54 -4.76 -21.21
C LEU B 8 -0.54 -3.66 -20.14
N ARG B 9 0.60 -3.01 -19.91
CA ARG B 9 0.62 -1.82 -19.08
C ARG B 9 -0.15 -0.68 -19.73
N VAL B 10 0.01 -0.51 -21.04
CA VAL B 10 -0.70 0.55 -21.75
C VAL B 10 -2.17 0.17 -21.92
N GLN B 11 -2.44 -1.10 -22.20
CA GLN B 11 -3.84 -1.57 -22.31
C GLN B 11 -4.63 -1.21 -21.07
N GLU B 12 -4.06 -1.46 -19.89
CA GLU B 12 -4.75 -1.15 -18.65
C GLU B 12 -5.00 0.34 -18.51
N LEU B 13 -4.15 1.16 -19.13
CA LEU B 13 -4.38 2.60 -19.13
C LEU B 13 -5.54 2.96 -20.07
N ILE B 14 -5.51 2.46 -21.30
CA ILE B 14 -6.56 2.78 -22.26
C ILE B 14 -7.88 2.16 -21.82
N LYS B 15 -7.85 0.95 -21.27
CA LYS B 15 -9.02 0.39 -20.62
C LYS B 15 -9.60 1.36 -19.60
N LEU B 16 -8.71 2.02 -18.85
CA LEU B 16 -9.15 2.83 -17.72
C LEU B 16 -9.81 4.12 -18.19
N ILE B 17 -9.15 4.86 -19.08
CA ILE B 17 -9.61 6.20 -19.44
C ILE B 17 -10.67 6.18 -20.54
N CYS B 18 -10.91 5.04 -21.17
CA CYS B 18 -11.96 4.92 -22.17
C CYS B 18 -13.20 4.19 -21.67
N ASN B 19 -13.22 3.79 -20.40
CA ASN B 19 -14.40 3.13 -19.85
C ASN B 19 -15.57 4.11 -19.85
N VAL B 20 -16.46 3.98 -20.84
CA VAL B 20 -17.55 4.94 -21.00
C VAL B 20 -18.50 4.86 -19.81
N GLN B 21 -18.69 3.66 -19.27
CA GLN B 21 -19.59 3.52 -18.12
C GLN B 21 -19.02 4.20 -16.88
N ALA B 22 -17.69 4.24 -16.75
CA ALA B 22 -17.09 4.93 -15.61
C ALA B 22 -17.36 6.42 -15.65
N MET B 23 -17.46 6.99 -16.85
CA MET B 23 -17.74 8.42 -16.95
C MET B 23 -19.18 8.75 -16.61
N GLU B 24 -20.10 7.82 -16.86
CA GLU B 24 -21.50 8.04 -16.48
C GLU B 24 -21.63 8.25 -14.97
N GLU B 25 -21.11 7.29 -14.18
CA GLU B 25 -21.16 7.41 -12.73
C GLU B 25 -20.31 8.56 -12.22
N MET B 26 -19.28 8.97 -12.96
CA MET B 26 -18.53 10.16 -12.59
C MET B 26 -19.35 11.43 -12.79
N MET B 27 -20.40 11.38 -13.60
CA MET B 27 -21.27 12.52 -13.81
C MET B 27 -22.45 12.54 -12.86
N MET B 28 -23.05 11.38 -12.59
CA MET B 28 -24.10 11.32 -11.57
C MET B 28 -23.57 11.81 -10.22
N GLU B 29 -22.33 11.46 -9.89
CA GLU B 29 -21.70 12.01 -8.69
C GLU B 29 -21.47 13.51 -8.82
N MET B 30 -21.41 14.03 -10.04
CA MET B 30 -21.33 15.46 -10.26
C MET B 30 -22.71 16.11 -10.30
N LYS B 31 -23.73 15.39 -9.84
CA LYS B 31 -25.14 15.79 -9.86
C LYS B 31 -25.67 15.97 -11.28
N TYR B 32 -25.02 15.37 -12.28
CA TYR B 32 -25.53 15.40 -13.65
C TYR B 32 -26.68 14.41 -13.80
N ASN B 33 -27.25 14.36 -15.00
CA ASN B 33 -28.33 13.42 -15.33
C ASN B 33 -27.96 12.70 -16.62
N THR B 34 -27.41 11.50 -16.50
CA THR B 34 -27.11 10.71 -17.69
C THR B 34 -28.35 10.14 -18.36
N LYS B 35 -29.53 10.35 -17.78
CA LYS B 35 -30.76 9.77 -18.33
C LYS B 35 -31.38 10.70 -19.38
N LYS B 36 -32.01 11.79 -18.93
CA LYS B 36 -32.55 12.75 -19.89
C LYS B 36 -31.47 13.31 -20.80
N ALA B 37 -30.23 13.41 -20.30
CA ALA B 37 -29.08 13.83 -21.11
C ALA B 37 -28.06 12.70 -21.13
N PRO B 38 -28.18 11.76 -22.06
CA PRO B 38 -27.15 10.71 -22.18
C PRO B 38 -25.84 11.29 -22.69
N LEU B 39 -24.75 10.91 -22.03
CA LEU B 39 -23.42 11.30 -22.50
C LEU B 39 -23.17 10.90 -23.94
N GLY B 40 -23.92 9.91 -24.44
CA GLY B 40 -23.83 9.56 -25.85
C GLY B 40 -24.34 10.65 -26.77
N LYS B 41 -25.38 11.37 -26.35
CA LYS B 41 -25.88 12.52 -27.11
C LYS B 41 -25.40 13.79 -26.40
N LEU B 42 -24.13 14.12 -26.61
CA LEU B 42 -23.53 15.34 -26.12
C LEU B 42 -22.75 15.97 -27.25
N THR B 43 -22.80 17.30 -27.33
CA THR B 43 -22.14 18.04 -28.40
C THR B 43 -21.35 19.19 -27.82
N VAL B 44 -20.42 19.71 -28.63
CA VAL B 44 -19.71 20.92 -28.25
C VAL B 44 -20.69 22.07 -28.06
N ALA B 45 -21.84 22.01 -28.74
CA ALA B 45 -22.84 23.08 -28.61
C ALA B 45 -23.41 23.14 -27.21
N GLN B 46 -24.01 22.04 -26.74
CA GLN B 46 -24.70 22.03 -25.45
C GLN B 46 -23.80 22.51 -24.32
N ILE B 47 -22.51 22.13 -24.36
CA ILE B 47 -21.57 22.62 -23.37
C ILE B 47 -21.42 24.13 -23.47
N LYS B 48 -21.17 24.62 -24.69
CA LYS B 48 -20.99 26.06 -24.90
C LYS B 48 -22.27 26.82 -24.55
N ALA B 49 -23.43 26.22 -24.83
CA ALA B 49 -24.70 26.85 -24.49
C ALA B 49 -24.82 27.04 -22.98
N GLY B 50 -24.47 26.02 -22.21
CA GLY B 50 -24.43 26.16 -20.76
C GLY B 50 -23.33 27.07 -20.28
N TYR B 51 -22.21 27.11 -21.00
CA TYR B 51 -21.16 28.08 -20.69
C TYR B 51 -21.70 29.50 -20.81
N GLN B 52 -22.58 29.75 -21.77
CA GLN B 52 -23.16 31.07 -21.96
C GLN B 52 -24.19 31.38 -20.88
N SER B 53 -24.97 30.38 -20.47
CA SER B 53 -25.92 30.59 -19.39
C SER B 53 -25.21 31.00 -18.11
N LEU B 54 -24.05 30.38 -17.83
CA LEU B 54 -23.25 30.80 -16.69
C LEU B 54 -22.79 32.24 -16.86
N LYS B 55 -22.49 32.65 -18.09
CA LYS B 55 -22.21 34.06 -18.36
C LYS B 55 -23.41 34.93 -18.00
N LYS B 56 -24.61 34.51 -18.43
CA LYS B 56 -25.83 35.24 -18.08
C LYS B 56 -26.10 35.17 -16.59
N ILE B 57 -25.81 34.02 -15.95
CA ILE B 57 -25.94 33.92 -14.51
C ILE B 57 -24.92 34.84 -13.82
N GLU B 58 -23.71 34.94 -14.39
CA GLU B 58 -22.71 35.85 -13.86
C GLU B 58 -23.22 37.28 -13.82
N ASP B 59 -24.15 37.63 -14.71
CA ASP B 59 -24.59 39.02 -14.79
C ASP B 59 -25.68 39.33 -13.76
N CYS B 60 -26.59 38.38 -13.51
CA CYS B 60 -27.57 38.59 -12.44
C CYS B 60 -26.89 38.72 -11.09
N ILE B 61 -25.82 37.95 -10.86
CA ILE B 61 -25.05 38.07 -9.62
C ILE B 61 -24.54 39.49 -9.46
N ARG B 62 -24.03 40.08 -10.54
CA ARG B 62 -23.50 41.43 -10.48
C ARG B 62 -24.62 42.47 -10.40
N ALA B 63 -25.69 42.26 -11.16
CA ALA B 63 -26.81 43.20 -11.19
C ALA B 63 -27.76 43.03 -10.00
N GLY B 64 -27.46 42.12 -9.07
CA GLY B 64 -28.32 41.92 -7.92
C GLY B 64 -29.69 41.37 -8.25
N GLN B 65 -29.78 40.54 -9.27
CA GLN B 65 -31.06 40.01 -9.76
C GLN B 65 -31.30 38.64 -9.15
N HIS B 66 -32.27 38.55 -8.23
CA HIS B 66 -32.62 37.30 -7.58
C HIS B 66 -34.08 36.92 -7.76
N ARG B 68 -37.20 36.52 -10.87
CA ARG B 68 -37.25 35.64 -12.02
C ARG B 68 -36.16 35.95 -13.03
N ALA B 69 -35.16 36.73 -12.65
CA ALA B 69 -33.95 36.85 -13.45
C ALA B 69 -32.94 35.77 -13.08
N LEU B 70 -32.64 35.62 -11.79
CA LEU B 70 -31.83 34.49 -11.35
C LEU B 70 -32.59 33.18 -11.48
N MET B 71 -33.81 33.13 -10.96
CA MET B 71 -34.61 31.91 -11.01
C MET B 71 -34.78 31.39 -12.43
N GLU B 72 -34.77 32.27 -13.42
CA GLU B 72 -34.87 31.85 -14.81
C GLU B 72 -33.53 31.80 -15.53
N ALA B 73 -32.49 32.46 -15.01
CA ALA B 73 -31.16 32.27 -15.55
C ALA B 73 -30.65 30.87 -15.26
N CYS B 74 -30.78 30.44 -14.00
CA CYS B 74 -30.40 29.08 -13.65
C CYS B 74 -31.32 28.07 -14.32
N ASN B 75 -32.62 28.37 -14.39
CA ASN B 75 -33.56 27.45 -15.01
C ASN B 75 -33.31 27.28 -16.50
N GLU B 76 -32.64 28.23 -17.14
CA GLU B 76 -32.18 28.01 -18.51
C GLU B 76 -30.96 27.10 -18.52
N PHE B 77 -29.99 27.36 -17.64
CA PHE B 77 -28.82 26.50 -17.55
C PHE B 77 -29.21 25.08 -17.16
N TYR B 78 -29.95 24.93 -16.06
CA TYR B 78 -30.40 23.64 -15.59
C TYR B 78 -31.29 22.92 -16.61
N THR B 79 -31.68 23.60 -17.68
CA THR B 79 -32.45 23.00 -18.77
C THR B 79 -31.55 22.42 -19.84
N ARG B 80 -30.52 23.17 -20.27
CA ARG B 80 -29.53 22.62 -21.17
C ARG B 80 -28.57 21.67 -20.48
N ILE B 81 -28.42 21.81 -19.16
CA ILE B 81 -27.53 20.97 -18.36
C ILE B 81 -28.34 20.36 -17.23
N PRO B 82 -29.06 19.26 -17.48
CA PRO B 82 -30.01 18.75 -16.47
C PRO B 82 -29.32 17.99 -15.35
N HIS B 83 -29.80 18.22 -14.13
CA HIS B 83 -29.27 17.60 -12.93
C HIS B 83 -30.23 16.50 -12.46
N ASP B 84 -30.11 16.10 -11.19
CA ASP B 84 -30.97 15.05 -10.66
C ASP B 84 -30.92 15.01 -9.13
N PHE B 85 -31.59 15.96 -8.48
CA PHE B 85 -31.72 15.96 -7.03
C PHE B 85 -32.97 15.21 -6.55
N LEU B 87 -36.38 15.37 -6.52
CA LEU B 87 -37.34 16.43 -6.84
C LEU B 87 -37.08 17.67 -6.01
N ARG B 88 -36.10 17.64 -5.10
CA ARG B 88 -35.76 18.77 -4.25
C ARG B 88 -35.46 20.01 -5.09
N THR B 89 -35.56 21.18 -4.45
CA THR B 89 -35.32 22.48 -5.06
C THR B 89 -33.98 22.51 -5.77
N PRO B 90 -33.95 22.62 -7.10
CA PRO B 90 -32.68 22.80 -7.80
C PRO B 90 -31.98 24.05 -7.31
N PRO B 91 -30.84 23.91 -6.62
CA PRO B 91 -30.23 25.07 -5.96
C PRO B 91 -29.81 26.12 -6.96
N LEU B 92 -29.91 27.38 -6.53
CA LEU B 92 -29.49 28.51 -7.36
C LEU B 92 -28.01 28.80 -7.14
N ILE B 93 -27.36 29.26 -8.20
CA ILE B 93 -25.91 29.47 -8.20
C ILE B 93 -25.65 30.92 -7.81
N ARG B 94 -25.11 31.13 -6.61
CA ARG B 94 -24.92 32.48 -6.08
C ARG B 94 -23.53 32.71 -5.48
N THR B 95 -22.57 31.83 -5.73
CA THR B 95 -21.23 31.98 -5.18
C THR B 95 -20.21 31.70 -6.27
N GLN B 96 -19.09 32.45 -6.25
CA GLN B 96 -17.98 32.14 -7.13
C GLN B 96 -17.51 30.70 -6.97
N LYS B 97 -17.67 30.13 -5.78
CA LYS B 97 -17.32 28.75 -5.54
C LYS B 97 -18.42 27.77 -5.95
N GLU B 98 -19.59 28.28 -6.34
CA GLU B 98 -20.61 27.47 -6.98
C GLU B 98 -20.57 27.59 -8.50
N LEU B 99 -20.04 28.69 -9.04
CA LEU B 99 -19.79 28.78 -10.46
C LEU B 99 -18.64 27.86 -10.86
N SER B 100 -17.48 28.04 -10.22
CA SER B 100 -16.32 27.20 -10.49
C SER B 100 -16.65 25.71 -10.38
N GLU B 101 -17.58 25.36 -9.50
CA GLU B 101 -18.01 23.97 -9.40
C GLU B 101 -18.81 23.56 -10.64
N LYS B 102 -19.62 24.48 -11.17
CA LYS B 102 -20.28 24.22 -12.45
C LYS B 102 -19.28 24.25 -13.59
N ILE B 103 -18.23 25.08 -13.49
CA ILE B 103 -17.15 25.04 -14.47
C ILE B 103 -16.55 23.64 -14.52
N GLN B 104 -16.27 23.06 -13.35
CA GLN B 104 -15.74 21.70 -13.27
C GLN B 104 -16.64 20.73 -14.02
N LEU B 105 -17.95 20.88 -13.88
CA LEU B 105 -18.88 19.98 -14.56
C LEU B 105 -18.82 20.15 -16.07
N LEU B 106 -18.77 21.38 -16.56
CA LEU B 106 -18.70 21.59 -18.01
C LEU B 106 -17.35 21.17 -18.56
N GLU B 107 -16.26 21.52 -17.86
CA GLU B 107 -14.94 21.06 -18.27
C GLU B 107 -14.86 19.53 -18.30
N ALA B 108 -15.60 18.85 -17.44
CA ALA B 108 -15.59 17.40 -17.43
C ALA B 108 -16.41 16.83 -18.58
N LEU B 109 -17.59 17.42 -18.85
CA LEU B 109 -18.42 16.94 -19.95
C LEU B 109 -17.76 17.25 -21.30
N GLY B 110 -17.11 18.40 -21.41
CA GLY B 110 -16.36 18.68 -22.62
C GLY B 110 -15.28 17.65 -22.90
N ASP B 111 -14.58 17.23 -21.84
CA ASP B 111 -13.57 16.18 -21.99
C ASP B 111 -14.21 14.82 -22.21
N ILE B 112 -15.39 14.58 -21.63
CA ILE B 112 -16.11 13.35 -21.92
C ILE B 112 -16.53 13.30 -23.39
N GLU B 113 -16.99 14.44 -23.92
CA GLU B 113 -17.38 14.50 -25.33
C GLU B 113 -16.22 14.09 -26.23
N ILE B 114 -15.01 14.58 -25.94
CA ILE B 114 -13.84 14.19 -26.72
C ILE B 114 -13.68 12.67 -26.71
N ALA B 115 -13.85 12.05 -25.55
CA ALA B 115 -13.70 10.60 -25.45
C ALA B 115 -14.84 9.87 -26.15
N ILE B 116 -16.07 10.39 -26.01
CA ILE B 116 -17.22 9.79 -26.68
C ILE B 116 -16.96 9.66 -28.18
N LYS B 117 -16.54 10.76 -28.81
CA LYS B 117 -16.22 10.72 -30.23
C LYS B 117 -15.08 9.73 -30.51
N LEU B 118 -14.14 9.60 -29.58
CA LEU B 118 -12.95 8.80 -29.85
C LEU B 118 -13.24 7.31 -29.73
N VAL B 119 -14.08 6.92 -28.76
CA VAL B 119 -14.50 5.52 -28.68
C VAL B 119 -15.50 5.21 -29.79
N LYS B 120 -16.41 6.15 -30.09
CA LYS B 120 -17.36 5.97 -31.17
C LYS B 120 -16.68 5.97 -32.53
N SER B 121 -15.46 6.54 -32.62
CA SER B 121 -14.64 6.38 -33.80
C SER B 121 -13.98 5.00 -33.77
N GLU B 122 -13.83 4.42 -34.97
CA GLU B 122 -13.13 3.16 -35.17
C GLU B 122 -13.89 1.98 -34.54
N ARG B 123 -14.28 1.00 -35.34
CA ARG B 123 -15.06 -0.12 -34.85
C ARG B 123 -14.73 -1.36 -35.68
N GLN B 124 -15.33 -2.49 -35.30
CA GLN B 124 -15.26 -3.76 -36.04
C GLN B 124 -13.81 -4.23 -36.11
N GLY B 125 -13.48 -4.98 -37.16
CA GLY B 125 -12.15 -5.51 -37.36
C GLY B 125 -11.21 -4.52 -38.01
N LEU B 126 -10.39 -3.87 -37.19
CA LEU B 126 -9.38 -2.91 -37.60
C LEU B 126 -8.53 -2.56 -36.39
N GLU B 127 -7.61 -3.46 -36.05
CA GLU B 127 -7.01 -3.55 -34.71
C GLU B 127 -8.07 -3.92 -33.69
N HIS B 128 -7.66 -4.09 -32.43
CA HIS B 128 -8.54 -4.45 -31.33
C HIS B 128 -8.97 -3.19 -30.57
N PRO B 129 -10.22 -3.17 -30.09
CA PRO B 129 -10.80 -1.97 -29.46
C PRO B 129 -9.85 -1.00 -28.77
N LEU B 130 -8.91 -1.50 -27.96
CA LEU B 130 -7.98 -0.60 -27.28
C LEU B 130 -6.93 -0.04 -28.22
N ASP B 131 -6.42 -0.85 -29.15
CA ASP B 131 -5.40 -0.37 -30.06
C ASP B 131 -5.93 0.67 -31.04
N GLN B 132 -7.24 0.69 -31.28
CA GLN B 132 -7.82 1.79 -32.06
C GLN B 132 -7.76 3.09 -31.28
N HIS B 133 -8.17 3.06 -30.01
CA HIS B 133 -8.18 4.25 -29.18
C HIS B 133 -6.77 4.83 -29.05
N TYR B 134 -5.79 3.98 -28.74
CA TYR B 134 -4.43 4.49 -28.59
C TYR B 134 -3.91 5.13 -29.86
N ARG B 135 -4.33 4.61 -31.02
CA ARG B 135 -4.01 5.27 -32.28
C ARG B 135 -4.68 6.64 -32.39
N ASN B 136 -5.94 6.72 -31.94
CA ASN B 136 -6.73 7.93 -32.16
C ASN B 136 -6.39 9.09 -31.24
N LEU B 137 -5.78 8.81 -30.08
CA LEU B 137 -5.40 9.91 -29.19
C LEU B 137 -4.31 10.79 -29.81
N HIS B 138 -3.53 10.26 -30.74
CA HIS B 138 -2.38 10.97 -31.30
C HIS B 138 -1.47 11.48 -30.19
N CYS B 139 -1.07 10.56 -29.33
CA CYS B 139 -0.20 10.84 -28.20
C CYS B 139 0.55 9.56 -27.86
N ALA B 140 1.88 9.65 -27.81
CA ALA B 140 2.70 8.50 -27.49
C ALA B 140 2.71 8.28 -25.97
N LEU B 141 2.53 7.02 -25.56
CA LEU B 141 2.54 6.64 -24.15
C LEU B 141 3.61 5.56 -23.99
N ARG B 142 4.83 5.98 -23.71
CA ARG B 142 5.96 5.06 -23.59
C ARG B 142 6.09 4.62 -22.14
N PRO B 143 5.79 3.36 -21.81
CA PRO B 143 5.99 2.91 -20.42
C PRO B 143 7.47 2.88 -20.08
N LEU B 144 7.82 3.52 -18.97
CA LEU B 144 9.22 3.64 -18.58
C LEU B 144 9.63 2.52 -17.64
N ASP B 145 10.89 2.54 -17.26
CA ASP B 145 11.51 1.48 -16.49
C ASP B 145 11.36 1.79 -15.00
N HIS B 146 10.78 0.85 -14.24
CA HIS B 146 10.69 1.01 -12.79
C HIS B 146 12.05 1.11 -12.12
N GLU B 147 13.13 0.83 -12.86
CA GLU B 147 14.48 1.07 -12.39
C GLU B 147 15.09 2.36 -12.93
N SER B 148 14.53 2.91 -14.01
CA SER B 148 15.11 4.06 -14.67
C SER B 148 15.22 5.25 -13.73
N TYR B 149 16.10 6.19 -14.12
CA TYR B 149 16.32 7.38 -13.31
C TYR B 149 15.06 8.23 -13.21
N GLU B 150 14.20 8.18 -14.23
CA GLU B 150 12.96 8.95 -14.21
C GLU B 150 11.99 8.42 -13.17
N PHE B 151 11.73 7.11 -13.19
CA PHE B 151 10.87 6.51 -12.18
C PHE B 151 11.38 6.81 -10.77
N LYS B 152 12.70 6.73 -10.56
CA LYS B 152 13.24 7.06 -9.25
C LYS B 152 12.98 8.52 -8.90
N VAL B 153 13.32 9.43 -9.82
CA VAL B 153 13.17 10.86 -9.54
C VAL B 153 11.70 11.20 -9.32
N ILE B 154 10.82 10.73 -10.21
CA ILE B 154 9.42 11.13 -10.14
C ILE B 154 8.76 10.58 -8.88
N SER B 155 9.12 9.35 -8.49
CA SER B 155 8.59 8.82 -7.23
C SER B 155 9.12 9.61 -6.03
N GLN B 156 10.30 10.24 -6.16
CA GLN B 156 10.76 11.17 -5.14
C GLN B 156 9.92 12.45 -5.16
N TYR B 157 9.75 13.05 -6.34
CA TYR B 157 8.84 14.18 -6.51
C TYR B 157 7.44 13.87 -6.01
N LEU B 158 7.06 12.60 -5.99
CA LEU B 158 5.69 12.21 -5.64
C LEU B 158 5.47 12.22 -4.13
N GLN B 159 6.25 11.42 -3.40
CA GLN B 159 6.02 11.26 -1.96
C GLN B 159 6.62 12.40 -1.15
N SER B 160 7.66 13.07 -1.64
CA SER B 160 8.24 14.19 -0.91
C SER B 160 7.31 15.39 -0.91
N THR B 161 6.72 15.71 -2.05
CA THR B 161 5.80 16.83 -2.19
C THR B 161 4.36 16.47 -1.83
N HIS B 162 4.15 15.32 -1.19
CA HIS B 162 2.85 15.02 -0.59
C HIS B 162 2.63 15.96 0.59
N ALA B 163 1.78 16.97 0.39
CA ALA B 163 1.58 18.03 1.37
C ALA B 163 1.07 17.46 2.69
N PRO B 164 1.50 18.02 3.82
CA PRO B 164 1.09 17.47 5.12
C PRO B 164 -0.35 17.76 5.51
N THR B 165 -1.06 18.63 4.78
CA THR B 165 -2.46 18.90 5.08
C THR B 165 -3.32 17.67 4.86
N HIS B 166 -3.81 17.52 3.63
CA HIS B 166 -4.56 16.34 3.22
C HIS B 166 -3.77 15.07 3.47
N SER B 167 -3.77 14.58 4.71
CA SER B 167 -3.07 13.37 5.10
C SER B 167 -4.01 12.18 5.25
N ASP B 168 -5.21 12.27 4.70
CA ASP B 168 -6.12 11.13 4.70
C ASP B 168 -5.78 10.10 3.65
N TYR B 169 -4.82 10.38 2.77
CA TYR B 169 -4.39 9.42 1.77
C TYR B 169 -2.89 9.51 1.56
N THR B 170 -2.30 8.36 1.24
CA THR B 170 -0.94 8.27 0.73
C THR B 170 -0.98 7.58 -0.62
N MET B 171 -0.07 7.96 -1.51
CA MET B 171 -0.11 7.50 -2.89
C MET B 171 1.01 6.50 -3.16
N THR B 172 0.70 5.49 -3.97
CA THR B 172 1.65 4.46 -4.36
C THR B 172 1.73 4.42 -5.89
N LEU B 173 2.87 4.84 -6.42
CA LEU B 173 3.05 4.90 -7.87
C LEU B 173 3.03 3.50 -8.47
N LEU B 174 2.05 3.24 -9.35
CA LEU B 174 1.94 1.93 -9.99
C LEU B 174 2.64 1.88 -11.34
N ASP B 175 2.59 2.94 -12.13
CA ASP B 175 3.13 2.91 -13.48
C ASP B 175 3.53 4.31 -13.90
N LEU B 176 4.58 4.37 -14.72
CA LEU B 176 5.14 5.65 -15.18
C LEU B 176 5.27 5.61 -16.68
N PHE B 177 4.57 6.51 -17.37
CA PHE B 177 4.58 6.57 -18.82
C PHE B 177 5.19 7.90 -19.27
N GLU B 178 6.05 7.84 -20.28
CA GLU B 178 6.53 9.06 -20.93
C GLU B 178 5.53 9.46 -22.00
N VAL B 179 5.21 10.76 -22.04
CA VAL B 179 4.11 11.29 -22.84
C VAL B 179 4.67 12.17 -23.95
N GLU B 180 4.04 12.12 -25.11
CA GLU B 180 4.48 12.89 -26.28
C GLU B 180 3.26 13.12 -27.18
N LYS B 181 2.72 14.34 -27.16
CA LYS B 181 1.57 14.66 -28.01
C LYS B 181 2.04 15.15 -29.37
N ASP B 182 1.20 14.91 -30.37
CA ASP B 182 1.47 15.35 -31.74
C ASP B 182 1.64 16.86 -31.83
N GLY B 183 2.81 17.38 -31.49
CA GLY B 183 3.10 18.78 -31.72
C GLY B 183 3.61 19.56 -30.53
N GLU B 184 3.36 19.09 -29.31
CA GLU B 184 3.73 19.86 -28.12
C GLU B 184 5.23 20.12 -28.02
N LYS B 185 6.07 19.45 -28.81
CA LYS B 185 7.48 19.78 -28.83
C LYS B 185 7.76 21.01 -29.69
N GLU B 186 6.99 21.21 -30.77
CA GLU B 186 7.20 22.38 -31.63
C GLU B 186 6.78 23.67 -30.93
N ALA B 187 5.50 23.79 -30.61
CA ALA B 187 4.95 25.03 -30.08
C ALA B 187 5.55 25.44 -28.75
N PHE B 188 6.32 24.58 -28.09
CA PHE B 188 6.87 24.90 -26.79
C PHE B 188 7.83 26.09 -26.89
N ARG B 189 8.02 26.77 -25.76
CA ARG B 189 8.88 27.95 -25.66
C ARG B 189 10.11 27.58 -24.84
N GLU B 190 11.06 26.92 -25.51
CA GLU B 190 12.31 26.55 -24.84
C GLU B 190 13.05 27.79 -24.36
N ASP B 191 12.94 28.89 -25.10
CA ASP B 191 13.65 30.11 -24.75
C ASP B 191 13.24 30.62 -23.38
N LEU B 192 11.96 30.47 -23.04
CA LEU B 192 11.47 31.00 -21.77
C LEU B 192 12.21 30.37 -20.60
N HIS B 193 12.45 31.18 -19.57
CA HIS B 193 13.18 30.73 -18.41
C HIS B 193 12.23 30.13 -17.38
N ASN B 194 12.83 29.53 -16.34
CA ASN B 194 12.09 28.94 -15.21
C ASN B 194 11.23 27.76 -15.65
N ARG B 195 11.82 26.86 -16.44
CA ARG B 195 11.14 25.61 -16.78
C ARG B 195 11.01 24.74 -15.53
N MET B 196 9.81 24.21 -15.30
CA MET B 196 9.55 23.43 -14.10
C MET B 196 8.69 22.21 -14.44
N LEU B 197 9.07 21.08 -13.84
CA LEU B 197 8.26 19.87 -13.88
C LEU B 197 7.18 20.00 -12.80
N LEU B 198 5.93 20.15 -13.20
CA LEU B 198 4.86 20.43 -12.26
C LEU B 198 3.69 19.48 -12.45
N TRP B 199 2.87 19.38 -11.42
CA TRP B 199 1.79 18.40 -11.36
C TRP B 199 0.49 18.94 -11.90
N HIS B 200 -0.33 18.03 -12.40
CA HIS B 200 -1.71 18.33 -12.77
C HIS B 200 -2.52 17.05 -12.63
N GLY B 201 -3.51 17.07 -11.73
CA GLY B 201 -4.42 15.97 -11.59
C GLY B 201 -5.76 16.31 -12.19
N SER B 202 -6.52 15.27 -12.54
CA SER B 202 -7.85 15.46 -13.11
C SER B 202 -8.62 14.15 -13.00
N ARG B 203 -9.92 14.25 -13.19
CA ARG B 203 -10.78 13.08 -13.10
C ARG B 203 -10.55 12.15 -14.29
N MET B 204 -10.63 10.84 -14.02
CA MET B 204 -10.37 9.82 -15.04
C MET B 204 -11.13 10.10 -16.33
N SER B 205 -12.30 10.72 -16.25
CA SER B 205 -13.11 10.99 -17.43
C SER B 205 -12.46 12.01 -18.37
N ASN B 206 -11.49 12.77 -17.88
CA ASN B 206 -10.92 13.87 -18.65
C ASN B 206 -9.61 13.53 -19.33
N TRP B 207 -9.14 12.30 -19.22
CA TRP B 207 -7.78 12.00 -19.69
C TRP B 207 -7.69 11.80 -21.19
N VAL B 208 -8.75 11.28 -21.81
CA VAL B 208 -8.76 11.21 -23.28
C VAL B 208 -8.67 12.62 -23.86
N GLY B 209 -9.31 13.59 -23.22
CA GLY B 209 -9.19 14.97 -23.66
C GLY B 209 -7.80 15.53 -23.45
N ILE B 210 -7.23 15.34 -22.27
CA ILE B 210 -5.93 15.92 -21.96
C ILE B 210 -4.82 15.25 -22.75
N LEU B 211 -4.91 13.93 -22.97
CA LEU B 211 -3.88 13.27 -23.76
C LEU B 211 -4.03 13.54 -25.25
N SER B 212 -5.26 13.63 -25.75
CA SER B 212 -5.47 13.88 -27.17
C SER B 212 -5.41 15.37 -27.52
N HIS B 213 -6.07 16.22 -26.74
CA HIS B 213 -6.16 17.64 -27.02
C HIS B 213 -5.25 18.49 -26.13
N GLY B 214 -4.42 17.88 -25.31
CA GLY B 214 -3.57 18.65 -24.41
C GLY B 214 -4.35 19.43 -23.38
N LEU B 215 -3.64 20.18 -22.53
CA LEU B 215 -4.29 21.09 -21.61
C LEU B 215 -4.67 22.37 -22.35
N ARG B 216 -5.86 22.91 -22.02
CA ARG B 216 -6.44 23.97 -22.83
C ARG B 216 -6.93 25.13 -21.98
N ILE B 217 -7.03 26.30 -22.64
CA ILE B 217 -7.60 27.50 -22.07
C ILE B 217 -9.12 27.44 -22.15
N ALA B 218 -9.79 28.02 -21.16
CA ALA B 218 -11.25 28.04 -21.15
C ALA B 218 -11.78 29.00 -22.21
N PRO B 219 -12.98 28.74 -22.74
CA PRO B 219 -13.51 29.56 -23.84
C PRO B 219 -13.83 30.97 -23.37
N PRO B 220 -14.01 31.92 -24.30
CA PRO B 220 -14.37 33.28 -23.88
C PRO B 220 -15.76 33.39 -23.29
N GLU B 221 -16.67 32.46 -23.57
CA GLU B 221 -18.04 32.54 -23.09
C GLU B 221 -18.20 32.14 -21.63
N ALA B 222 -17.10 32.03 -20.89
CA ALA B 222 -17.20 31.58 -19.51
C ALA B 222 -16.91 32.72 -18.54
N PRO B 223 -17.61 32.77 -17.42
CA PRO B 223 -17.39 33.86 -16.45
C PRO B 223 -16.03 33.77 -15.77
N ILE B 224 -15.15 34.75 -16.02
CA ILE B 224 -13.82 34.73 -15.42
C ILE B 224 -13.88 34.82 -13.90
N THR B 225 -15.03 35.22 -13.35
CA THR B 225 -15.20 35.15 -11.89
C THR B 225 -15.18 33.71 -11.41
N GLY B 226 -15.55 32.76 -12.26
CA GLY B 226 -15.49 31.36 -11.93
C GLY B 226 -14.13 30.72 -12.06
N TYR B 227 -13.11 31.50 -12.40
CA TYR B 227 -11.73 31.03 -12.50
C TYR B 227 -10.91 31.79 -11.47
N MET B 228 -10.39 31.06 -10.47
CA MET B 228 -9.76 31.70 -9.32
C MET B 228 -8.63 32.64 -9.73
N PHE B 229 -7.95 32.34 -10.84
CA PHE B 229 -6.85 33.18 -11.29
C PHE B 229 -6.90 33.45 -12.79
N GLY B 230 -8.09 33.41 -13.38
CA GLY B 230 -8.25 33.71 -14.79
C GLY B 230 -8.30 32.47 -15.65
N LYS B 231 -8.37 32.71 -16.95
CA LYS B 231 -8.52 31.63 -17.94
C LYS B 231 -7.13 31.12 -18.32
N GLY B 232 -6.62 30.22 -17.48
CA GLY B 232 -5.32 29.64 -17.74
C GLY B 232 -5.23 28.17 -17.38
N ILE B 233 -4.01 27.62 -17.39
CA ILE B 233 -3.76 26.22 -17.03
C ILE B 233 -2.99 26.21 -15.73
N TYR B 234 -3.50 25.47 -14.75
CA TYR B 234 -3.09 25.58 -13.36
C TYR B 234 -2.23 24.38 -12.97
N PHE B 235 -1.05 24.65 -12.41
CA PHE B 235 -0.11 23.62 -12.00
C PHE B 235 0.24 23.79 -10.52
N ALA B 236 0.82 22.75 -9.94
CA ALA B 236 1.09 22.74 -8.51
C ALA B 236 2.33 21.90 -8.21
N ASP B 237 3.24 22.46 -7.41
CA ASP B 237 4.43 21.73 -7.00
C ASP B 237 4.14 20.67 -5.94
N MET B 238 3.05 20.82 -5.19
CA MET B 238 2.63 19.81 -4.23
C MET B 238 1.84 18.73 -4.97
N SER B 239 2.37 17.50 -4.97
CA SER B 239 1.76 16.43 -5.75
C SER B 239 0.32 16.16 -5.30
N SER B 240 0.14 15.92 -4.00
CA SER B 240 -1.18 15.60 -3.48
C SER B 240 -2.17 16.76 -3.64
N LYS B 241 -1.66 17.99 -3.75
CA LYS B 241 -2.55 19.12 -4.05
C LYS B 241 -3.18 18.96 -5.43
N SER B 242 -2.39 18.48 -6.38
CA SER B 242 -2.95 18.18 -7.71
C SER B 242 -3.74 16.88 -7.61
N ALA B 243 -3.23 15.89 -6.88
CA ALA B 243 -3.91 14.61 -6.76
C ALA B 243 -5.30 14.75 -6.15
N ASN B 244 -5.54 15.83 -5.40
CA ASN B 244 -6.89 16.10 -4.91
C ASN B 244 -7.85 16.37 -6.06
N TYR B 245 -7.34 16.91 -7.16
CA TYR B 245 -8.16 17.14 -8.35
C TYR B 245 -8.42 15.85 -9.13
N CYS B 246 -7.91 14.72 -8.66
CA CYS B 246 -8.28 13.42 -9.24
C CYS B 246 -9.61 12.92 -8.69
N PHE B 247 -10.00 13.35 -7.51
CA PHE B 247 -11.29 13.02 -6.90
C PHE B 247 -11.49 11.51 -6.81
N ALA B 248 -10.54 10.86 -6.16
CA ALA B 248 -10.58 9.42 -5.95
C ALA B 248 -11.13 9.09 -4.57
N SER B 249 -11.61 7.86 -4.43
CA SER B 249 -12.22 7.38 -3.19
C SER B 249 -12.12 5.87 -3.17
N ARG B 250 -11.94 5.31 -1.97
CA ARG B 250 -11.54 3.92 -1.73
C ARG B 250 -11.96 2.93 -2.82
N LEU B 251 -13.21 3.03 -3.27
CA LEU B 251 -13.67 2.15 -4.33
C LEU B 251 -12.98 2.47 -5.66
N LYS B 252 -12.93 3.74 -6.04
CA LYS B 252 -12.22 4.17 -7.24
C LYS B 252 -10.87 4.76 -6.83
N ASN B 253 -9.99 3.87 -6.39
CA ASN B 253 -8.78 4.24 -5.67
C ASN B 253 -7.55 4.40 -6.57
N THR B 254 -7.76 4.58 -7.88
CA THR B 254 -6.65 4.79 -8.80
C THR B 254 -6.87 6.09 -9.56
N GLY B 255 -5.87 6.96 -9.54
CA GLY B 255 -5.95 8.22 -10.25
C GLY B 255 -4.67 8.48 -11.02
N LEU B 256 -4.80 9.22 -12.11
CA LEU B 256 -3.68 9.53 -12.99
C LEU B 256 -3.13 10.91 -12.66
N LEU B 257 -1.81 11.03 -12.64
CA LEU B 257 -1.13 12.29 -12.36
C LEU B 257 -0.27 12.66 -13.56
N LEU B 258 -0.44 13.89 -14.05
CA LEU B 258 0.28 14.38 -15.21
C LEU B 258 1.43 15.27 -14.76
N LEU B 259 2.59 15.08 -15.38
CA LEU B 259 3.79 15.85 -15.08
C LEU B 259 4.23 16.59 -16.35
N SER B 260 3.86 17.86 -16.46
CA SER B 260 4.20 18.67 -17.61
C SER B 260 5.50 19.44 -17.34
N GLU B 261 6.07 19.98 -18.42
CA GLU B 261 7.16 20.94 -18.33
C GLU B 261 6.56 22.31 -18.65
N VAL B 262 6.42 23.14 -17.63
CA VAL B 262 5.77 24.45 -17.77
C VAL B 262 6.86 25.51 -17.90
N ALA B 263 6.67 26.44 -18.84
CA ALA B 263 7.64 27.51 -19.10
C ALA B 263 7.12 28.77 -18.42
N LEU B 264 7.54 28.96 -17.17
CA LEU B 264 6.99 30.03 -16.35
C LEU B 264 7.61 31.39 -16.70
N GLN B 266 9.49 35.08 -15.68
CA GLN B 266 9.26 36.11 -14.66
C GLN B 266 7.80 36.06 -14.23
N CYS B 267 7.57 35.99 -12.93
CA CYS B 267 6.27 35.61 -12.41
C CYS B 267 5.43 36.86 -12.13
N ASN B 268 4.36 36.69 -11.34
CA ASN B 268 3.47 37.73 -10.87
C ASN B 268 2.90 37.24 -9.54
N GLU B 269 3.74 37.23 -8.50
CA GLU B 269 3.36 36.65 -7.22
C GLU B 269 2.21 37.45 -6.59
N LEU B 270 1.17 36.74 -6.17
CA LEU B 270 0.04 37.36 -5.51
C LEU B 270 -0.43 36.45 -4.38
N LEU B 271 -0.99 37.07 -3.33
CA LEU B 271 -1.55 36.34 -2.20
C LEU B 271 -3.05 36.35 -2.16
N GLU B 272 -3.71 37.10 -3.03
CA GLU B 272 -5.16 37.19 -3.09
C GLU B 272 -5.65 36.57 -4.40
N ALA B 273 -6.73 35.78 -4.30
CA ALA B 273 -7.28 35.09 -5.47
C ALA B 273 -7.95 36.10 -6.39
N ASN B 274 -7.21 36.57 -7.40
CA ASN B 274 -7.73 37.54 -8.35
C ASN B 274 -8.21 36.84 -9.61
N PRO B 275 -9.52 36.78 -9.88
CA PRO B 275 -10.00 36.12 -11.09
C PRO B 275 -9.51 36.76 -12.38
N LYS B 276 -8.88 37.93 -12.33
CA LYS B 276 -8.33 38.58 -13.51
C LYS B 276 -6.82 38.71 -13.41
N ALA B 277 -6.16 37.66 -12.91
CA ALA B 277 -4.71 37.68 -12.83
C ALA B 277 -4.07 37.85 -14.19
N GLU B 278 -4.75 37.42 -15.26
CA GLU B 278 -4.28 37.64 -16.61
C GLU B 278 -4.50 39.08 -17.07
N GLY B 279 -5.42 39.80 -16.44
CA GLY B 279 -5.57 41.23 -16.71
C GLY B 279 -4.47 42.10 -16.15
N LEU B 280 -3.51 41.51 -15.45
CA LEU B 280 -2.33 42.20 -14.95
C LEU B 280 -1.06 41.60 -15.56
N LEU B 281 -1.16 41.07 -16.78
CA LEU B 281 -0.06 40.34 -17.40
C LEU B 281 0.77 41.20 -18.32
N GLN B 282 0.64 42.52 -18.26
CA GLN B 282 1.60 43.37 -18.94
C GLN B 282 2.96 43.33 -18.24
N GLY B 283 2.98 42.89 -16.98
CA GLY B 283 4.22 42.73 -16.24
C GLY B 283 5.14 41.72 -16.88
N HIS B 285 5.02 37.04 -17.63
CA HIS B 285 4.35 35.81 -18.02
C HIS B 285 3.52 35.19 -16.90
N SER B 286 3.95 34.02 -16.43
CA SER B 286 3.11 33.18 -15.57
C SER B 286 2.76 33.86 -14.27
N THR B 287 1.52 33.66 -13.82
CA THR B 287 1.04 34.17 -12.54
C THR B 287 1.27 33.12 -11.46
N LYS B 288 2.03 33.47 -10.44
CA LYS B 288 2.39 32.55 -9.36
C LYS B 288 1.64 32.92 -8.09
N GLY B 289 1.03 31.93 -7.45
CA GLY B 289 0.44 32.13 -6.13
C GLY B 289 1.45 31.77 -5.06
N LEU B 290 1.42 32.54 -3.97
CA LEU B 290 2.40 32.40 -2.90
C LEU B 290 1.79 31.60 -1.75
N GLY B 291 2.29 30.37 -1.56
CA GLY B 291 1.98 29.57 -0.40
C GLY B 291 3.17 29.54 0.55
N LYS B 292 2.93 28.97 1.73
CA LYS B 292 3.99 28.90 2.72
C LYS B 292 4.81 27.61 2.60
N MET B 293 4.13 26.47 2.49
CA MET B 293 4.80 25.16 2.44
C MET B 293 5.20 24.87 0.99
N ALA B 294 6.42 25.26 0.65
CA ALA B 294 6.99 25.08 -0.67
C ALA B 294 8.31 24.32 -0.55
N PRO B 295 8.76 23.68 -1.63
CA PRO B 295 10.05 22.96 -1.56
C PRO B 295 11.21 23.93 -1.38
N SER B 296 12.37 23.34 -1.07
CA SER B 296 13.59 24.10 -0.85
C SER B 296 14.42 24.15 -2.12
N SER B 297 15.02 25.31 -2.39
CA SER B 297 15.94 25.45 -3.52
C SER B 297 17.20 24.59 -3.37
N ALA B 298 17.29 23.80 -2.31
CA ALA B 298 18.41 22.89 -2.09
C ALA B 298 18.16 21.48 -2.60
N HIS B 299 16.89 21.09 -2.79
CA HIS B 299 16.55 19.77 -3.30
C HIS B 299 16.33 19.77 -4.82
N PHE B 300 16.34 20.94 -5.45
CA PHE B 300 16.07 21.03 -6.89
C PHE B 300 17.07 20.23 -7.69
N VAL B 301 16.59 19.26 -8.45
CA VAL B 301 17.40 18.52 -9.41
C VAL B 301 16.88 18.87 -10.80
N THR B 302 17.78 18.86 -11.78
CA THR B 302 17.42 19.14 -13.15
C THR B 302 17.05 17.84 -13.87
N LEU B 303 16.19 17.95 -14.88
CA LEU B 303 15.75 16.77 -15.62
C LEU B 303 15.23 17.23 -16.99
N ASN B 304 16.09 17.11 -18.01
CA ASN B 304 15.75 17.41 -19.41
C ASN B 304 15.35 18.88 -19.59
N GLY B 305 16.24 19.78 -19.19
CA GLY B 305 15.98 21.19 -19.33
C GLY B 305 15.17 21.76 -18.17
N SER B 306 14.01 21.17 -17.93
CA SER B 306 13.16 21.58 -16.83
C SER B 306 13.81 21.26 -15.49
N THR B 307 13.22 21.81 -14.42
CA THR B 307 13.72 21.63 -13.06
C THR B 307 12.63 20.99 -12.19
N VAL B 308 13.02 20.05 -11.36
CA VAL B 308 12.11 19.34 -10.47
C VAL B 308 12.18 19.99 -9.08
N PRO B 309 11.06 20.41 -8.50
CA PRO B 309 11.09 20.93 -7.13
C PRO B 309 10.68 19.89 -6.09
N LEU B 310 11.65 19.19 -5.51
CA LEU B 310 11.36 18.13 -4.55
C LEU B 310 11.64 18.62 -3.13
N PRO B 312 10.76 18.71 1.25
CA PRO B 312 9.67 18.76 2.23
C PRO B 312 8.76 19.97 2.05
N ALA B 313 7.93 20.23 3.06
CA ALA B 313 7.02 21.38 3.06
C ALA B 313 7.59 22.49 3.94
N SER B 314 8.74 23.05 3.52
CA SER B 314 9.39 24.11 4.26
C SER B 314 8.49 25.33 4.35
N ASP B 315 7.90 25.55 5.52
CA ASP B 315 6.89 26.57 5.74
C ASP B 315 7.57 27.94 5.75
N THR B 316 7.52 28.64 4.62
CA THR B 316 8.21 29.92 4.46
C THR B 316 7.54 31.07 5.22
N GLY B 317 6.52 30.80 6.02
CA GLY B 317 5.89 31.83 6.83
C GLY B 317 5.40 33.04 6.06
N ILE B 318 4.78 32.81 4.90
CA ILE B 318 4.19 33.89 4.11
C ILE B 318 2.98 34.43 4.86
N LEU B 319 3.15 35.57 5.53
CA LEU B 319 2.08 36.16 6.31
C LEU B 319 0.90 36.57 5.42
N ASN B 320 -0.27 36.66 6.02
CA ASN B 320 -1.52 36.85 5.30
C ASN B 320 -1.72 38.29 4.86
N PRO B 321 -2.64 38.53 3.91
CA PRO B 321 -3.03 39.91 3.60
C PRO B 321 -4.15 40.43 4.49
N ASP B 322 -4.96 39.53 5.05
CA ASP B 322 -6.03 39.95 5.95
C ASP B 322 -6.40 38.87 6.95
N GLY B 323 -6.34 37.61 6.53
CA GLY B 323 -6.78 36.52 7.40
C GLY B 323 -6.22 35.17 7.03
N TYR B 324 -6.43 34.74 5.78
CA TYR B 324 -5.95 33.45 5.32
C TYR B 324 -5.20 33.61 4.01
N THR B 325 -4.20 32.75 3.82
CA THR B 325 -3.36 32.75 2.62
C THR B 325 -3.36 31.34 2.03
N LEU B 326 -3.32 31.29 0.69
CA LEU B 326 -3.18 30.04 -0.04
C LEU B 326 -2.12 29.15 0.63
N ASN B 327 -2.56 28.04 1.22
CA ASN B 327 -1.64 27.19 1.97
C ASN B 327 -0.49 26.72 1.09
N TYR B 328 -0.76 26.46 -0.18
CA TYR B 328 0.24 25.89 -1.09
C TYR B 328 0.28 26.71 -2.37
N ASN B 329 1.48 26.86 -2.93
CA ASN B 329 1.70 27.70 -4.10
C ASN B 329 0.83 27.23 -5.27
N GLU B 330 0.61 28.13 -6.22
CA GLU B 330 -0.14 27.82 -7.43
C GLU B 330 0.46 28.56 -8.61
N TYR B 331 0.65 27.84 -9.72
CA TYR B 331 1.25 28.36 -10.94
C TYR B 331 0.25 28.31 -12.08
N ILE B 332 0.22 29.38 -12.89
CA ILE B 332 -0.75 29.51 -13.97
C ILE B 332 -0.07 30.12 -15.19
N VAL B 333 -0.23 29.49 -16.33
CA VAL B 333 0.04 30.11 -17.62
C VAL B 333 -1.28 30.28 -18.36
N TYR B 334 -1.24 31.04 -19.46
CA TYR B 334 -2.47 31.37 -20.16
C TYR B 334 -2.39 31.10 -21.66
N ASN B 335 -1.40 30.35 -22.11
CA ASN B 335 -1.35 29.89 -23.49
C ASN B 335 -0.69 28.53 -23.48
N PRO B 336 -1.29 27.51 -24.11
CA PRO B 336 -0.77 26.14 -23.98
C PRO B 336 0.66 25.97 -24.45
N ASN B 337 1.17 26.86 -25.31
CA ASN B 337 2.52 26.74 -25.84
C ASN B 337 3.60 26.85 -24.77
N GLN B 338 3.22 27.03 -23.51
CA GLN B 338 4.16 26.96 -22.39
C GLN B 338 4.02 25.66 -21.61
N VAL B 339 3.27 24.70 -22.14
CA VAL B 339 3.02 23.42 -21.49
C VAL B 339 3.52 22.32 -22.41
N ARG B 340 4.43 21.48 -21.89
CA ARG B 340 5.05 20.41 -22.64
C ARG B 340 4.87 19.13 -21.83
N MET B 341 3.82 18.37 -22.11
CA MET B 341 3.56 17.14 -21.37
C MET B 341 4.71 16.16 -21.53
N ARG B 342 5.04 15.45 -20.45
CA ARG B 342 6.22 14.60 -20.45
C ARG B 342 5.98 13.25 -19.79
N TYR B 343 5.48 13.26 -18.55
CA TYR B 343 5.31 12.01 -17.81
C TYR B 343 3.89 11.89 -17.29
N LEU B 344 3.50 10.65 -17.04
CA LEU B 344 2.17 10.29 -16.56
C LEU B 344 2.31 9.26 -15.46
N LEU B 345 1.47 9.35 -14.43
CA LEU B 345 1.61 8.54 -13.23
C LEU B 345 0.29 7.85 -12.93
N LYS B 346 0.29 6.52 -12.99
CA LYS B 346 -0.84 5.73 -12.50
C LYS B 346 -0.64 5.51 -11.00
N VAL B 347 -1.54 6.06 -10.20
CA VAL B 347 -1.37 6.15 -8.75
C VAL B 347 -2.41 5.28 -8.07
N GLN B 348 -1.95 4.38 -7.19
CA GLN B 348 -2.83 3.64 -6.31
C GLN B 348 -2.98 4.42 -5.01
N PHE B 349 -4.21 4.80 -4.68
CA PHE B 349 -4.48 5.63 -3.52
C PHE B 349 -4.62 4.76 -2.27
N ASN B 350 -3.92 5.15 -1.21
CA ASN B 350 -3.97 4.48 0.08
C ASN B 350 -4.55 5.46 1.09
N PHE B 351 -5.81 5.26 1.47
CA PHE B 351 -6.52 6.19 2.33
C PHE B 351 -6.31 5.89 3.81
N LEU B 352 -7.31 6.22 4.63
CA LEU B 352 -7.36 5.87 6.05
C LEU B 352 -8.61 5.03 6.27
N GLN B 353 -8.40 3.79 6.71
CA GLN B 353 -9.50 2.83 6.86
C GLN B 353 -10.65 3.34 7.72
C01 ERV C . 6.29 -11.21 18.40
C02 ERV C . 5.13 -11.32 17.71
C03 ERV C . 4.91 -12.54 17.02
C04 ERV C . 6.87 -13.42 17.72
C05 ERV C . 7.98 -14.25 17.95
C06 ERV C . 8.81 -13.48 18.77
C07 ERV C . 4.12 -10.22 17.64
C08 ERV C . 8.17 -15.61 17.45
N01 ERV C . 5.74 -13.56 17.01
N02 ERV C . 7.15 -12.25 18.40
N03 ERV C . 8.31 -12.28 19.04
N04 ERV C . 7.26 -16.08 16.60
O01 ERV C . 9.12 -16.29 17.81
C01 ERV D . -4.82 25.08 -8.98
C02 ERV D . -6.07 25.42 -9.39
C03 ERV D . -6.80 24.44 -10.11
C04 ERV D . -5.14 22.93 -9.98
C05 ERV D . -4.35 21.78 -10.08
C06 ERV D . -3.17 22.12 -9.41
C07 ERV D . -6.66 26.76 -9.11
C08 ERV D . -4.71 20.53 -10.75
N01 ERV D . -6.37 23.25 -10.39
N02 ERV D . -4.38 23.83 -9.27
N03 ERV D . -3.17 23.35 -8.92
N04 ERV D . -5.69 20.60 -11.64
O01 ERV D . -4.14 19.47 -10.47
#